data_9KOU
#
_entry.id   9KOU
#
_cell.length_a   1.00
_cell.length_b   1.00
_cell.length_c   1.00
_cell.angle_alpha   90.00
_cell.angle_beta   90.00
_cell.angle_gamma   90.00
#
_symmetry.space_group_name_H-M   'P 1'
#
loop_
_entity.id
_entity.type
_entity.pdbx_description
1 polymer 'Inorganic phosphate transporter 1-11'
2 non-polymer 'PHOSPHATE ION'
#
_entity_poly.entity_id   1
_entity_poly.type   'polypeptide(L)'
_entity_poly.pdbx_seq_one_letter_code
;MDYKDDDDKGDYKDDDDKIDYKDDDDKGSMADADGGSNLAVLDALDSARTQMYHMKAIVIAGMGFFTDAYDLFCISTVSK
LLGRLYYQPDGSTDSKPGALSKTANNMVIGVALVGTLMGQLVFGYFGDKLGRKRVYGVTLILMAACAIGSGLSFGSSRKA
VIGTLCFFRFWLGFGIGGDYPLSATIMSEYSNKKTRGAFIAAVFAMQGVGIIFAGLVSMIVSSIFLTYNKAPSYKGNHDL
SRQMPAADYVWRIVLMIGAFPALATFYWRMKMPETARYTAIIDGNAKQAANDMQKVLSIEIEAEQEKLAKFNAANNYPLL
SMEFARRHGLHLIGTTTTWFLLDIAFYSQNLTQKDIFPAMGLISGAAEVNALTEMFQISKASFLVALLGTFPGYWVTVAL
IDKMGRYMIQLIGFFMMSMFMLAMGILYDYLKTHHFLFGLLYALTFFFANFGPNSTTFVLPAELFPTRVRSTCHAISAAA
GKAGAIVAAFGIQKLTYNSQVKSIKKALIILSITNMLGFFFTFLVPETMGRSLEEISGEDGNTGAGGGGAPAAANAGVGV
SASDVSRDEKFPASSTEWQTSMHA
;
_entity_poly.pdbx_strand_id   A,B
#
# COMPACT_ATOMS: atom_id res chain seq x y z
N GLN A 51 -33.19 2.07 24.56
CA GLN A 51 -33.22 2.28 23.12
C GLN A 51 -31.90 1.88 22.48
N MET A 52 -31.97 1.24 21.32
CA MET A 52 -30.76 0.78 20.65
C MET A 52 -29.95 1.94 20.09
N TYR A 53 -30.59 3.09 19.83
CA TYR A 53 -29.89 4.20 19.21
C TYR A 53 -28.86 4.81 20.16
N HIS A 54 -29.10 4.73 21.46
CA HIS A 54 -28.15 5.27 22.43
C HIS A 54 -26.80 4.58 22.32
N MET A 55 -26.76 3.27 22.58
CA MET A 55 -25.51 2.53 22.46
C MET A 55 -25.04 2.45 21.01
N LYS A 56 -25.93 2.60 20.03
CA LYS A 56 -25.49 2.67 18.64
C LYS A 56 -24.62 3.92 18.41
N ALA A 57 -25.08 5.07 18.90
CA ALA A 57 -24.26 6.27 18.83
C ALA A 57 -23.01 6.13 19.68
N ILE A 58 -23.09 5.40 20.79
CA ILE A 58 -21.92 5.19 21.64
C ILE A 58 -20.84 4.43 20.87
N VAL A 59 -21.21 3.33 20.23
CA VAL A 59 -20.22 2.55 19.48
C VAL A 59 -19.73 3.33 18.27
N ILE A 60 -20.61 4.11 17.63
CA ILE A 60 -20.18 4.93 16.50
C ILE A 60 -19.11 5.93 16.96
N ALA A 61 -19.31 6.55 18.12
CA ALA A 61 -18.32 7.51 18.62
C ALA A 61 -17.03 6.81 19.04
N GLY A 62 -17.14 5.63 19.65
CA GLY A 62 -15.97 4.92 20.14
C GLY A 62 -15.27 4.01 19.16
N MET A 63 -15.75 3.93 17.92
CA MET A 63 -15.09 3.11 16.92
C MET A 63 -13.65 3.56 16.70
N GLY A 64 -13.34 4.83 16.96
CA GLY A 64 -11.96 5.26 16.91
C GLY A 64 -11.09 4.58 17.94
N PHE A 65 -11.57 4.50 19.18
CA PHE A 65 -10.86 3.76 20.21
C PHE A 65 -10.76 2.29 19.83
N PHE A 66 -11.83 1.73 19.28
CA PHE A 66 -11.83 0.32 18.90
C PHE A 66 -10.73 0.04 17.87
N THR A 67 -10.67 0.84 16.81
CA THR A 67 -9.66 0.60 15.77
C THR A 67 -8.26 0.91 16.29
N ASP A 68 -8.11 1.90 17.15
CA ASP A 68 -6.81 2.17 17.75
C ASP A 68 -6.32 0.97 18.53
N ALA A 69 -7.18 0.42 19.39
CA ALA A 69 -6.80 -0.72 20.21
C ALA A 69 -6.47 -1.93 19.34
N TYR A 70 -7.30 -2.20 18.33
CA TYR A 70 -7.04 -3.37 17.48
C TYR A 70 -5.72 -3.20 16.72
N ASP A 71 -5.47 -2.01 16.18
CA ASP A 71 -4.23 -1.80 15.44
C ASP A 71 -3.02 -1.92 16.35
N LEU A 72 -3.13 -1.44 17.59
CA LEU A 72 -1.99 -1.51 18.50
C LEU A 72 -1.76 -2.92 19.04
N PHE A 73 -2.82 -3.73 19.19
CA PHE A 73 -2.70 -5.01 19.84
C PHE A 73 -2.79 -6.21 18.91
N CYS A 74 -2.90 -5.99 17.59
CA CYS A 74 -2.87 -7.14 16.68
C CYS A 74 -1.47 -7.72 16.51
N ILE A 75 -0.43 -6.97 16.88
CA ILE A 75 0.94 -7.45 16.73
C ILE A 75 1.41 -8.30 17.90
N SER A 76 0.62 -8.41 18.96
CA SER A 76 1.05 -9.17 20.12
C SER A 76 0.95 -10.67 19.90
N THR A 77 -0.02 -11.13 19.12
CA THR A 77 -0.28 -12.56 18.98
C THR A 77 0.42 -13.19 17.79
N VAL A 78 1.20 -12.42 17.01
CA VAL A 78 1.85 -12.94 15.83
C VAL A 78 3.36 -12.81 15.87
N SER A 79 3.93 -12.34 16.98
CA SER A 79 5.38 -12.28 17.10
C SER A 79 5.98 -13.68 17.08
N LYS A 80 5.34 -14.62 17.77
CA LYS A 80 5.83 -15.99 17.77
C LYS A 80 5.77 -16.62 16.39
N LEU A 81 4.71 -16.33 15.64
CA LEU A 81 4.62 -16.84 14.27
C LEU A 81 5.75 -16.28 13.41
N LEU A 82 6.01 -14.98 13.52
CA LEU A 82 7.11 -14.38 12.76
C LEU A 82 8.44 -15.01 13.14
N GLY A 83 8.66 -15.24 14.43
CA GLY A 83 9.90 -15.86 14.86
C GLY A 83 10.05 -17.28 14.32
N ARG A 84 8.98 -18.07 14.38
CA ARG A 84 9.05 -19.44 13.90
C ARG A 84 9.12 -19.51 12.38
N LEU A 85 8.73 -18.46 11.68
CA LEU A 85 8.78 -18.45 10.23
C LEU A 85 10.14 -17.99 9.71
N TYR A 86 10.55 -16.78 10.08
CA TYR A 86 11.73 -16.16 9.49
C TYR A 86 13.00 -16.32 10.30
N TYR A 87 12.90 -16.54 11.60
CA TYR A 87 14.08 -16.65 12.45
C TYR A 87 14.41 -18.09 12.82
N GLN A 88 13.85 -19.06 12.12
CA GLN A 88 14.17 -20.47 12.34
C GLN A 88 14.88 -21.00 11.11
N PRO A 89 16.21 -21.03 11.09
CA PRO A 89 16.94 -21.45 9.89
C PRO A 89 16.81 -22.94 9.63
N ASP A 90 17.07 -23.31 8.38
CA ASP A 90 16.98 -24.70 7.93
C ASP A 90 18.18 -25.46 8.50
N GLY A 91 18.05 -25.91 9.73
CA GLY A 91 19.09 -26.61 10.44
C GLY A 91 19.40 -25.95 11.77
N SER A 92 20.47 -26.44 12.40
CA SER A 92 20.93 -25.94 13.71
C SER A 92 19.83 -26.05 14.76
N THR A 93 18.96 -27.04 14.64
CA THR A 93 17.88 -27.23 15.60
C THR A 93 18.45 -27.89 16.85
N ASP A 94 18.46 -27.17 17.97
CA ASP A 94 19.05 -27.70 19.20
C ASP A 94 18.02 -27.87 20.31
N SER A 95 17.34 -26.81 20.74
CA SER A 95 16.44 -26.89 21.88
C SER A 95 15.01 -26.52 21.54
N LYS A 96 14.77 -25.34 20.99
CA LYS A 96 13.43 -24.80 20.81
C LYS A 96 13.36 -24.11 19.46
N PRO A 97 12.16 -23.91 18.93
CA PRO A 97 12.03 -23.23 17.63
C PRO A 97 12.60 -21.82 17.70
N GLY A 98 13.21 -21.40 16.60
CA GLY A 98 13.76 -20.05 16.55
C GLY A 98 12.66 -19.02 16.72
N ALA A 99 12.98 -17.97 17.47
CA ALA A 99 12.05 -16.88 17.71
C ALA A 99 12.75 -15.56 17.44
N LEU A 100 11.97 -14.49 17.43
CA LEU A 100 12.52 -13.17 17.14
C LEU A 100 13.62 -12.82 18.13
N SER A 101 14.67 -12.18 17.64
CA SER A 101 15.72 -11.69 18.53
C SER A 101 15.15 -10.63 19.46
N LYS A 102 15.75 -10.51 20.64
CA LYS A 102 15.23 -9.59 21.64
C LYS A 102 15.12 -8.17 21.09
N THR A 103 16.17 -7.69 20.42
CA THR A 103 16.13 -6.36 19.82
C THR A 103 15.06 -6.28 18.73
N ALA A 104 15.00 -7.29 17.86
CA ALA A 104 14.02 -7.27 16.78
C ALA A 104 12.60 -7.30 17.32
N ASN A 105 12.35 -8.14 18.33
CA ASN A 105 11.02 -8.20 18.92
C ASN A 105 10.67 -6.88 19.60
N ASN A 106 11.64 -6.28 20.30
CA ASN A 106 11.38 -4.99 20.94
C ASN A 106 11.00 -3.94 19.91
N MET A 107 11.73 -3.91 18.79
CA MET A 107 11.39 -2.95 17.74
C MET A 107 10.00 -3.23 17.17
N VAL A 108 9.74 -4.47 16.77
CA VAL A 108 8.45 -4.79 16.16
C VAL A 108 7.31 -4.46 17.11
N ILE A 109 7.53 -4.61 18.42
CA ILE A 109 6.45 -4.37 19.38
C ILE A 109 6.26 -2.87 19.63
N GLY A 110 7.34 -2.16 19.92
CA GLY A 110 7.25 -0.78 20.37
C GLY A 110 7.39 0.29 19.32
N VAL A 111 7.64 -0.07 18.05
CA VAL A 111 7.74 0.95 17.01
C VAL A 111 6.40 1.61 16.78
N ALA A 112 5.30 0.86 16.90
CA ALA A 112 3.98 1.48 16.78
C ALA A 112 3.75 2.52 17.86
N LEU A 113 4.18 2.24 19.09
CA LEU A 113 4.02 3.20 20.18
C LEU A 113 4.93 4.42 20.00
N VAL A 114 6.15 4.20 19.52
CA VAL A 114 7.02 5.33 19.20
C VAL A 114 6.37 6.20 18.12
N GLY A 115 5.79 5.56 17.11
CA GLY A 115 5.09 6.30 16.08
C GLY A 115 3.91 7.06 16.61
N THR A 116 3.18 6.49 17.56
CA THR A 116 2.02 7.21 18.10
C THR A 116 2.44 8.38 18.97
N LEU A 117 3.58 8.27 19.67
CA LEU A 117 4.12 9.45 20.36
C LEU A 117 4.49 10.54 19.36
N MET A 118 5.17 10.14 18.27
CA MET A 118 5.53 11.12 17.24
C MET A 118 4.29 11.76 16.63
N GLY A 119 3.23 10.97 16.43
CA GLY A 119 2.00 11.52 15.88
C GLY A 119 1.32 12.49 16.81
N GLN A 120 1.27 12.16 18.11
CA GLN A 120 0.72 13.09 19.08
C GLN A 120 1.53 14.38 19.11
N LEU A 121 2.83 14.30 18.86
CA LEU A 121 3.63 15.51 18.75
C LEU A 121 3.27 16.31 17.49
N VAL A 122 3.15 15.61 16.36
CA VAL A 122 3.08 16.25 15.05
C VAL A 122 1.69 16.82 14.77
N PHE A 123 0.66 15.97 14.81
CA PHE A 123 -0.70 16.49 14.74
C PHE A 123 -1.07 16.96 16.14
N GLY A 124 -0.16 17.73 16.72
CA GLY A 124 -0.13 18.18 18.09
C GLY A 124 0.32 19.62 18.10
N TYR A 125 1.51 19.81 18.66
CA TYR A 125 2.11 21.13 18.84
C TYR A 125 2.00 22.01 17.60
N PHE A 126 2.13 21.43 16.41
CA PHE A 126 2.06 22.19 15.17
C PHE A 126 1.20 21.46 14.13
N GLY A 127 0.05 20.96 14.56
CA GLY A 127 -0.84 20.26 13.63
C GLY A 127 -2.30 20.62 13.81
N ASP A 128 -2.61 21.45 14.80
CA ASP A 128 -4.00 21.78 15.07
C ASP A 128 -4.54 22.81 14.07
N LYS A 129 -3.68 23.66 13.54
CA LYS A 129 -4.10 24.78 12.69
C LYS A 129 -4.11 24.40 11.21
N LEU A 130 -4.82 23.32 10.88
CA LEU A 130 -5.02 22.96 9.48
C LEU A 130 -6.43 22.45 9.22
N GLY A 131 -7.36 22.63 10.16
CA GLY A 131 -8.71 22.15 9.99
C GLY A 131 -8.87 20.75 10.57
N ARG A 132 -9.84 20.59 11.47
CA ARG A 132 -9.98 19.32 12.19
C ARG A 132 -10.42 18.22 11.24
N LYS A 133 -11.23 18.55 10.24
CA LYS A 133 -11.61 17.57 9.24
C LYS A 133 -10.39 17.08 8.46
N ARG A 134 -9.50 18.01 8.08
CA ARG A 134 -8.36 17.64 7.26
C ARG A 134 -7.41 16.70 8.00
N VAL A 135 -7.05 17.06 9.24
CA VAL A 135 -6.16 16.21 10.02
C VAL A 135 -6.82 14.88 10.32
N TYR A 136 -8.11 14.90 10.66
CA TYR A 136 -8.81 13.66 10.96
C TYR A 136 -8.80 12.73 9.76
N GLY A 137 -9.12 13.25 8.57
CA GLY A 137 -9.11 12.43 7.38
C GLY A 137 -7.72 11.94 7.01
N VAL A 138 -6.71 12.79 7.14
CA VAL A 138 -5.35 12.39 6.78
C VAL A 138 -4.89 11.24 7.67
N THR A 139 -5.04 11.40 8.99
CA THR A 139 -4.64 10.34 9.90
C THR A 139 -5.48 9.08 9.70
N LEU A 140 -6.77 9.25 9.43
CA LEU A 140 -7.67 8.11 9.34
C LEU A 140 -7.41 7.29 8.08
N ILE A 141 -7.00 7.94 6.99
CA ILE A 141 -6.69 7.18 5.78
C ILE A 141 -5.27 6.65 5.85
N LEU A 142 -4.36 7.35 6.53
CA LEU A 142 -3.03 6.81 6.77
C LEU A 142 -3.10 5.54 7.60
N MET A 143 -4.05 5.49 8.54
CA MET A 143 -4.28 4.28 9.33
C MET A 143 -4.53 3.08 8.44
N ALA A 144 -5.49 3.21 7.51
CA ALA A 144 -5.86 2.09 6.65
C ALA A 144 -4.74 1.78 5.65
N ALA A 145 -4.08 2.81 5.12
CA ALA A 145 -2.99 2.57 4.18
C ALA A 145 -1.86 1.79 4.84
N CYS A 146 -1.51 2.14 6.07
CA CYS A 146 -0.44 1.41 6.76
C CYS A 146 -0.90 0.06 7.25
N ALA A 147 -2.19 -0.09 7.58
CA ALA A 147 -2.70 -1.41 7.91
C ALA A 147 -2.59 -2.36 6.73
N ILE A 148 -2.91 -1.87 5.53
CA ILE A 148 -2.73 -2.69 4.33
C ILE A 148 -1.26 -2.94 4.06
N GLY A 149 -0.42 -1.91 4.17
CA GLY A 149 0.99 -2.07 3.87
C GLY A 149 1.73 -2.96 4.85
N SER A 150 1.22 -3.10 6.07
CA SER A 150 1.87 -3.98 7.05
C SER A 150 1.86 -5.43 6.61
N GLY A 151 0.85 -5.83 5.84
CA GLY A 151 0.73 -7.19 5.38
C GLY A 151 1.50 -7.49 4.11
N LEU A 152 2.26 -6.55 3.59
CA LEU A 152 3.03 -6.75 2.37
C LEU A 152 4.51 -6.55 2.66
N SER A 153 5.34 -7.24 1.88
CA SER A 153 6.79 -7.25 2.07
C SER A 153 7.50 -6.57 0.92
N PHE A 154 8.73 -6.15 1.20
CA PHE A 154 9.62 -5.58 0.20
C PHE A 154 10.57 -6.64 -0.35
N GLY A 155 10.36 -7.91 -0.01
CA GLY A 155 11.25 -8.96 -0.47
C GLY A 155 10.89 -10.29 0.17
N SER A 156 11.89 -11.16 0.25
CA SER A 156 11.72 -12.47 0.87
C SER A 156 12.62 -12.70 2.07
N SER A 157 13.76 -12.02 2.15
CA SER A 157 14.66 -12.21 3.28
C SER A 157 14.02 -11.68 4.56
N ARG A 158 14.43 -12.27 5.68
CA ARG A 158 13.87 -11.84 6.97
C ARG A 158 14.18 -10.37 7.24
N LYS A 159 15.33 -9.88 6.79
CA LYS A 159 15.66 -8.48 6.98
C LYS A 159 14.67 -7.57 6.25
N ALA A 160 14.35 -7.90 4.99
CA ALA A 160 13.45 -7.06 4.22
C ALA A 160 12.04 -7.06 4.78
N VAL A 161 11.53 -8.24 5.15
CA VAL A 161 10.18 -8.29 5.71
C VAL A 161 10.13 -7.57 7.04
N ILE A 162 11.14 -7.75 7.90
CA ILE A 162 11.15 -7.09 9.19
C ILE A 162 11.23 -5.58 8.99
N GLY A 163 12.07 -5.12 8.07
CA GLY A 163 12.17 -3.69 7.83
C GLY A 163 10.87 -3.09 7.32
N THR A 164 10.22 -3.76 6.37
CA THR A 164 8.93 -3.28 5.87
C THR A 164 7.88 -3.27 6.97
N LEU A 165 7.82 -4.33 7.78
CA LEU A 165 6.87 -4.38 8.87
C LEU A 165 7.12 -3.25 9.86
N CYS A 166 8.38 -3.03 10.22
CA CYS A 166 8.69 -1.98 11.18
C CYS A 166 8.36 -0.60 10.63
N PHE A 167 8.67 -0.36 9.36
CA PHE A 167 8.38 0.95 8.76
C PHE A 167 6.87 1.20 8.71
N PHE A 168 6.11 0.21 8.22
CA PHE A 168 4.68 0.42 8.09
C PHE A 168 3.99 0.48 9.44
N ARG A 169 4.49 -0.25 10.44
CA ARG A 169 3.93 -0.11 11.78
C ARG A 169 4.30 1.23 12.40
N PHE A 170 5.50 1.76 12.10
CA PHE A 170 5.85 3.10 12.55
C PHE A 170 4.84 4.11 12.02
N TRP A 171 4.57 4.06 10.72
CA TRP A 171 3.65 5.06 10.18
C TRP A 171 2.21 4.76 10.56
N LEU A 172 1.88 3.49 10.86
CA LEU A 172 0.57 3.19 11.40
C LEU A 172 0.38 3.81 12.77
N GLY A 173 1.38 3.68 13.64
CA GLY A 173 1.32 4.35 14.92
C GLY A 173 1.30 5.86 14.77
N PHE A 174 2.02 6.38 13.78
CA PHE A 174 2.02 7.81 13.53
C PHE A 174 0.63 8.29 13.14
N GLY A 175 -0.08 7.52 12.32
CA GLY A 175 -1.47 7.82 12.03
C GLY A 175 -2.35 7.67 13.24
N ILE A 176 -2.05 6.71 14.11
CA ILE A 176 -2.83 6.51 15.34
C ILE A 176 -2.74 7.76 16.21
N GLY A 177 -1.54 8.26 16.40
CA GLY A 177 -1.32 9.43 17.22
C GLY A 177 -1.77 10.70 16.55
N GLY A 178 -1.81 11.76 17.33
CA GLY A 178 -2.24 13.07 16.86
C GLY A 178 -3.72 13.29 16.89
N ASP A 179 -4.48 12.38 16.28
CA ASP A 179 -5.94 12.46 16.29
C ASP A 179 -6.40 11.67 17.52
N TYR A 180 -6.52 12.36 18.63
CA TYR A 180 -7.07 11.73 19.81
C TYR A 180 -8.54 11.44 19.53
N PRO A 181 -8.99 10.18 19.58
CA PRO A 181 -10.37 9.84 19.19
C PRO A 181 -11.44 10.45 20.09
N LEU A 182 -11.06 11.27 21.04
CA LEU A 182 -11.99 11.88 21.99
C LEU A 182 -11.91 13.39 22.12
N SER A 183 -10.83 14.03 21.69
CA SER A 183 -10.71 15.48 21.85
C SER A 183 -11.72 16.23 20.99
N ALA A 184 -11.80 15.87 19.71
CA ALA A 184 -12.68 16.52 18.75
C ALA A 184 -14.15 16.14 18.92
N THR A 185 -14.45 15.05 19.61
CA THR A 185 -15.81 14.59 19.77
C THR A 185 -16.52 15.33 20.91
N ILE A 186 -17.62 14.76 21.40
CA ILE A 186 -18.61 15.43 22.24
C ILE A 186 -18.06 15.93 23.57
N MET A 187 -16.77 15.75 23.81
CA MET A 187 -16.11 16.24 25.03
C MET A 187 -16.49 17.67 25.42
N SER A 188 -16.81 18.50 24.44
CA SER A 188 -17.10 19.90 24.74
C SER A 188 -18.34 20.06 25.61
N GLU A 189 -19.36 19.20 25.42
CA GLU A 189 -20.62 19.32 26.16
C GLU A 189 -20.39 18.82 27.59
N TYR A 190 -19.78 19.67 28.40
CA TYR A 190 -19.55 19.37 29.82
C TYR A 190 -20.89 19.56 30.55
N SER A 191 -21.71 18.51 30.49
CA SER A 191 -23.04 18.51 31.10
C SER A 191 -22.91 18.40 32.61
N ASN A 192 -22.56 19.53 33.23
CA ASN A 192 -22.31 19.62 34.67
C ASN A 192 -21.27 18.60 35.11
N LYS A 193 -21.49 17.99 36.28
CA LYS A 193 -20.59 16.98 36.82
C LYS A 193 -21.18 15.59 36.82
N LYS A 194 -22.46 15.45 37.18
CA LYS A 194 -23.13 14.16 37.15
C LYS A 194 -23.36 13.69 35.73
N THR A 195 -23.12 12.39 35.48
CA THR A 195 -23.41 11.72 34.22
C THR A 195 -22.49 12.26 33.12
N ARG A 196 -21.74 13.32 33.45
CA ARG A 196 -20.84 13.93 32.48
C ARG A 196 -19.75 12.96 32.03
N GLY A 197 -19.19 12.20 32.95
CA GLY A 197 -18.25 11.15 32.60
C GLY A 197 -18.85 9.80 32.29
N ALA A 198 -20.17 9.62 32.41
CA ALA A 198 -20.77 8.30 32.21
C ALA A 198 -20.59 7.80 30.79
N PHE A 199 -20.98 8.59 29.79
CA PHE A 199 -20.81 8.15 28.41
C PHE A 199 -19.35 8.21 27.99
N ILE A 200 -18.58 9.11 28.61
CA ILE A 200 -17.16 9.21 28.32
C ILE A 200 -16.44 7.92 28.70
N ALA A 201 -16.84 7.31 29.82
CA ALA A 201 -16.32 6.00 30.18
C ALA A 201 -16.97 4.88 29.39
N ALA A 202 -18.25 5.05 29.02
CA ALA A 202 -18.94 4.00 28.27
C ALA A 202 -18.30 3.78 26.91
N VAL A 203 -17.94 4.86 26.21
CA VAL A 203 -17.29 4.71 24.91
C VAL A 203 -15.90 4.09 25.06
N PHE A 204 -15.31 4.13 26.26
CA PHE A 204 -14.01 3.50 26.46
C PHE A 204 -14.09 1.98 26.34
N ALA A 205 -15.28 1.40 26.48
CA ALA A 205 -15.42 -0.05 26.35
C ALA A 205 -15.06 -0.52 24.95
N MET A 206 -15.03 0.40 23.98
CA MET A 206 -14.63 0.01 22.63
C MET A 206 -13.18 -0.45 22.59
N GLN A 207 -12.35 0.04 23.51
CA GLN A 207 -10.97 -0.45 23.56
C GLN A 207 -10.91 -1.91 23.98
N GLY A 208 -11.67 -2.26 25.01
CA GLY A 208 -11.76 -3.67 25.40
C GLY A 208 -12.35 -4.52 24.31
N VAL A 209 -13.36 -4.00 23.61
CA VAL A 209 -13.93 -4.72 22.47
C VAL A 209 -12.88 -4.90 21.38
N GLY A 210 -12.02 -3.90 21.20
CA GLY A 210 -10.97 -4.01 20.20
C GLY A 210 -9.94 -5.06 20.54
N ILE A 211 -9.55 -5.15 21.81
CA ILE A 211 -8.65 -6.22 22.23
C ILE A 211 -9.32 -7.58 22.04
N ILE A 212 -10.60 -7.67 22.42
CA ILE A 212 -11.36 -8.89 22.23
C ILE A 212 -11.36 -9.30 20.75
N PHE A 213 -11.58 -8.32 19.87
CA PHE A 213 -11.66 -8.62 18.44
C PHE A 213 -10.30 -8.94 17.86
N ALA A 214 -9.22 -8.35 18.39
CA ALA A 214 -7.89 -8.76 17.98
C ALA A 214 -7.68 -10.23 18.27
N GLY A 215 -7.95 -10.65 19.51
CA GLY A 215 -7.87 -12.06 19.83
C GLY A 215 -8.77 -12.91 18.97
N LEU A 216 -9.99 -12.42 18.71
CA LEU A 216 -10.98 -13.19 17.96
C LEU A 216 -10.56 -13.40 16.52
N VAL A 217 -10.08 -12.34 15.86
CA VAL A 217 -9.66 -12.46 14.47
C VAL A 217 -8.42 -13.34 14.37
N SER A 218 -7.46 -13.17 15.29
CA SER A 218 -6.30 -14.06 15.28
C SER A 218 -6.73 -15.51 15.41
N MET A 219 -7.63 -15.80 16.36
CA MET A 219 -8.09 -17.16 16.57
C MET A 219 -8.83 -17.69 15.34
N ILE A 220 -9.69 -16.86 14.74
CA ILE A 220 -10.49 -17.29 13.60
C ILE A 220 -9.58 -17.66 12.43
N VAL A 221 -8.62 -16.78 12.12
CA VAL A 221 -7.77 -17.03 10.96
C VAL A 221 -6.86 -18.22 11.21
N SER A 222 -6.31 -18.36 12.42
CA SER A 222 -5.48 -19.52 12.73
C SER A 222 -6.28 -20.81 12.63
N SER A 223 -7.50 -20.82 13.15
CA SER A 223 -8.33 -22.02 13.07
C SER A 223 -8.68 -22.35 11.63
N ILE A 224 -9.00 -21.34 10.82
CA ILE A 224 -9.36 -21.58 9.43
C ILE A 224 -8.17 -22.16 8.67
N PHE A 225 -6.98 -21.59 8.86
CA PHE A 225 -5.81 -22.07 8.13
C PHE A 225 -5.30 -23.40 8.68
N LEU A 226 -5.61 -23.74 9.93
CA LEU A 226 -5.13 -25.00 10.50
C LEU A 226 -5.90 -26.20 9.95
N THR A 227 -7.16 -25.99 9.52
CA THR A 227 -7.96 -27.10 9.03
C THR A 227 -7.37 -27.71 7.78
N TYR A 228 -6.89 -26.89 6.85
CA TYR A 228 -6.36 -27.37 5.58
C TYR A 228 -4.84 -27.54 5.59
N ASN A 229 -4.18 -27.30 6.72
CA ASN A 229 -2.71 -27.43 6.80
C ASN A 229 -2.39 -28.12 8.13
N LYS A 230 -2.25 -29.45 8.08
CA LYS A 230 -1.92 -30.26 9.24
C LYS A 230 -0.51 -30.80 9.11
N ALA A 231 0.31 -30.57 10.12
CA ALA A 231 1.71 -30.99 10.12
C ALA A 231 2.08 -31.48 11.52
N PRO A 232 3.06 -32.37 11.62
CA PRO A 232 3.52 -32.81 12.95
C PRO A 232 4.17 -31.68 13.72
N SER A 233 4.21 -31.85 15.03
CA SER A 233 4.70 -30.81 15.93
C SER A 233 6.19 -30.56 15.69
N TYR A 234 6.73 -29.57 16.40
CA TYR A 234 8.13 -29.21 16.26
C TYR A 234 9.05 -30.35 16.68
N LYS A 235 8.72 -31.04 17.77
CA LYS A 235 9.49 -32.20 18.17
C LYS A 235 9.42 -33.31 17.14
N GLY A 236 8.23 -33.57 16.59
CA GLY A 236 8.10 -34.61 15.59
C GLY A 236 8.85 -34.30 14.31
N ASN A 237 8.82 -33.04 13.88
CA ASN A 237 9.51 -32.65 12.66
C ASN A 237 9.89 -31.17 12.78
N HIS A 238 11.12 -30.85 12.36
CA HIS A 238 11.66 -29.49 12.50
C HIS A 238 11.52 -28.63 11.25
N ASP A 239 10.89 -29.10 10.18
CA ASP A 239 10.72 -28.31 8.98
C ASP A 239 9.27 -28.00 8.67
N LEU A 240 8.41 -29.01 8.62
CA LEU A 240 6.98 -28.80 8.38
C LEU A 240 6.29 -28.17 9.57
N SER A 241 6.95 -28.08 10.73
CA SER A 241 6.36 -27.45 11.90
C SER A 241 6.03 -25.99 11.62
N ARG A 242 6.82 -25.34 10.76
CA ARG A 242 6.57 -23.94 10.44
C ARG A 242 5.24 -23.77 9.72
N GLN A 243 4.89 -24.73 8.88
CA GLN A 243 3.79 -24.60 7.93
C GLN A 243 3.95 -23.30 7.15
N MET A 244 5.08 -23.21 6.46
CA MET A 244 5.53 -21.97 5.84
C MET A 244 4.52 -21.38 4.86
N PRO A 245 4.05 -22.10 3.83
CA PRO A 245 3.17 -21.50 2.83
C PRO A 245 1.74 -21.26 3.30
N ALA A 246 1.48 -21.39 4.58
CA ALA A 246 0.21 -20.97 5.19
C ALA A 246 0.43 -20.00 6.33
N ALA A 247 1.51 -20.16 7.10
CA ALA A 247 1.83 -19.21 8.15
C ALA A 247 2.14 -17.84 7.56
N ASP A 248 2.92 -17.82 6.46
CA ASP A 248 3.27 -16.54 5.85
C ASP A 248 2.04 -15.78 5.38
N TYR A 249 0.92 -16.46 5.18
CA TYR A 249 -0.32 -15.79 4.80
C TYR A 249 -1.24 -15.51 5.97
N VAL A 250 -1.27 -16.37 6.99
CA VAL A 250 -2.15 -16.10 8.12
C VAL A 250 -1.69 -14.85 8.85
N TRP A 251 -0.37 -14.70 9.07
CA TRP A 251 0.06 -13.50 9.80
C TRP A 251 -0.19 -12.24 8.97
N ARG A 252 0.01 -12.31 7.66
CA ARG A 252 -0.28 -11.16 6.82
C ARG A 252 -1.76 -10.80 6.85
N ILE A 253 -2.64 -11.80 6.80
CA ILE A 253 -4.08 -11.51 6.79
C ILE A 253 -4.51 -10.91 8.11
N VAL A 254 -4.05 -11.50 9.22
CA VAL A 254 -4.48 -10.97 10.52
C VAL A 254 -3.93 -9.58 10.74
N LEU A 255 -2.77 -9.26 10.17
CA LEU A 255 -2.28 -7.89 10.29
C LEU A 255 -3.01 -6.92 9.36
N MET A 256 -3.40 -7.37 8.17
CA MET A 256 -4.07 -6.50 7.21
C MET A 256 -5.54 -6.27 7.53
N ILE A 257 -6.14 -7.13 8.37
CA ILE A 257 -7.56 -6.98 8.68
C ILE A 257 -7.85 -5.62 9.31
N GLY A 258 -6.86 -5.03 9.99
CA GLY A 258 -7.04 -3.78 10.69
C GLY A 258 -7.42 -2.60 9.81
N ALA A 259 -7.35 -2.75 8.49
CA ALA A 259 -7.77 -1.67 7.60
C ALA A 259 -9.27 -1.44 7.67
N PHE A 260 -10.05 -2.51 7.81
CA PHE A 260 -11.51 -2.37 7.81
C PHE A 260 -12.02 -1.46 8.92
N PRO A 261 -11.61 -1.60 10.19
CA PRO A 261 -12.09 -0.64 11.20
C PRO A 261 -11.71 0.80 10.88
N ALA A 262 -10.52 1.02 10.33
CA ALA A 262 -10.12 2.37 9.97
C ALA A 262 -11.01 2.94 8.88
N LEU A 263 -11.31 2.13 7.86
CA LEU A 263 -12.20 2.60 6.79
C LEU A 263 -13.60 2.88 7.30
N ALA A 264 -14.12 2.00 8.17
CA ALA A 264 -15.44 2.25 8.74
C ALA A 264 -15.47 3.52 9.58
N THR A 265 -14.41 3.75 10.36
CA THR A 265 -14.33 4.96 11.16
C THR A 265 -14.24 6.19 10.26
N PHE A 266 -13.50 6.09 9.15
CA PHE A 266 -13.44 7.19 8.20
C PHE A 266 -14.80 7.49 7.59
N TYR A 267 -15.53 6.45 7.20
CA TYR A 267 -16.86 6.67 6.62
C TYR A 267 -17.80 7.30 7.64
N TRP A 268 -17.73 6.85 8.90
CA TRP A 268 -18.61 7.42 9.93
C TRP A 268 -18.24 8.86 10.26
N ARG A 269 -16.95 9.16 10.40
CA ARG A 269 -16.53 10.49 10.81
C ARG A 269 -16.64 11.50 9.68
N MET A 270 -16.56 11.07 8.43
CA MET A 270 -16.65 12.00 7.31
C MET A 270 -18.03 12.64 7.24
N LYS A 271 -19.06 11.96 7.75
CA LYS A 271 -20.42 12.50 7.78
C LYS A 271 -20.65 13.34 9.05
N MET A 272 -19.75 14.28 9.29
CA MET A 272 -19.81 15.16 10.45
C MET A 272 -19.73 16.61 9.98
N PRO A 273 -20.42 17.53 10.66
CA PRO A 273 -20.37 18.96 10.30
C PRO A 273 -18.97 19.55 10.42
N MET A 322 2.25 31.77 33.95
CA MET A 322 3.22 31.40 34.98
C MET A 322 2.54 31.17 36.32
N GLU A 323 1.48 31.95 36.58
CA GLU A 323 0.77 31.81 37.84
C GLU A 323 -0.04 30.52 37.89
N PHE A 324 -0.56 30.06 36.75
CA PHE A 324 -1.18 28.74 36.72
C PHE A 324 -0.15 27.62 36.83
N ALA A 325 1.11 27.88 36.48
CA ALA A 325 2.14 26.87 36.66
C ALA A 325 2.34 26.55 38.14
N ARG A 326 2.34 27.57 39.00
CA ARG A 326 2.44 27.35 40.43
C ARG A 326 1.11 26.98 41.05
N ARG A 327 0.00 27.41 40.46
CA ARG A 327 -1.32 27.09 41.01
C ARG A 327 -1.69 25.63 40.76
N HIS A 328 -1.42 25.12 39.55
CA HIS A 328 -1.85 23.79 39.15
C HIS A 328 -0.69 22.87 38.81
N GLY A 329 0.52 23.18 39.29
CA GLY A 329 1.65 22.32 39.01
C GLY A 329 1.54 20.95 39.65
N LEU A 330 1.05 20.91 40.90
CA LEU A 330 0.94 19.64 41.60
C LEU A 330 -0.03 18.70 40.90
N HIS A 331 -1.19 19.20 40.48
CA HIS A 331 -2.10 18.36 39.71
C HIS A 331 -1.51 17.98 38.36
N LEU A 332 -0.70 18.85 37.78
CA LEU A 332 -0.04 18.53 36.52
C LEU A 332 0.88 17.32 36.67
N ILE A 333 1.79 17.39 37.64
CA ILE A 333 2.72 16.27 37.83
C ILE A 333 1.94 15.03 38.24
N GLY A 334 0.87 15.21 39.03
CA GLY A 334 0.07 14.06 39.41
C GLY A 334 -0.55 13.36 38.21
N THR A 335 -1.16 14.11 37.30
CA THR A 335 -1.82 13.49 36.17
C THR A 335 -0.81 12.85 35.21
N THR A 336 0.31 13.53 34.92
CA THR A 336 1.29 12.91 34.03
C THR A 336 1.87 11.64 34.64
N THR A 337 2.24 11.65 35.92
CA THR A 337 2.80 10.45 36.52
C THR A 337 1.78 9.33 36.59
N THR A 338 0.53 9.65 36.94
CA THR A 338 -0.49 8.60 37.03
C THR A 338 -0.75 7.97 35.68
N TRP A 339 -0.86 8.79 34.62
CA TRP A 339 -1.05 8.21 33.29
C TRP A 339 0.17 7.41 32.86
N PHE A 340 1.37 7.90 33.16
CA PHE A 340 2.59 7.17 32.84
C PHE A 340 2.58 5.78 33.47
N LEU A 341 2.29 5.72 34.76
CA LEU A 341 2.33 4.44 35.46
C LEU A 341 1.19 3.52 35.02
N LEU A 342 0.00 4.07 34.80
CA LEU A 342 -1.10 3.25 34.30
C LEU A 342 -0.74 2.66 32.94
N ASP A 343 -0.18 3.49 32.05
CA ASP A 343 0.10 3.02 30.71
C ASP A 343 1.22 1.98 30.69
N ILE A 344 2.27 2.20 31.49
CA ILE A 344 3.33 1.19 31.53
C ILE A 344 2.78 -0.13 32.06
N ALA A 345 1.96 -0.08 33.13
CA ALA A 345 1.39 -1.32 33.65
C ALA A 345 0.49 -1.99 32.62
N PHE A 346 -0.39 -1.20 31.98
CA PHE A 346 -1.35 -1.76 31.04
C PHE A 346 -0.67 -2.40 29.84
N TYR A 347 0.35 -1.74 29.29
CA TYR A 347 0.97 -2.27 28.09
C TYR A 347 1.97 -3.38 28.41
N SER A 348 2.63 -3.33 29.56
CA SER A 348 3.43 -4.47 29.98
C SER A 348 2.56 -5.67 30.35
N GLN A 349 1.29 -5.45 30.63
CA GLN A 349 0.37 -6.54 30.91
C GLN A 349 -0.31 -7.08 29.65
N ASN A 350 -0.57 -6.23 28.66
CA ASN A 350 -1.23 -6.64 27.44
C ASN A 350 -0.26 -7.17 26.39
N LEU A 351 0.81 -6.42 26.11
CA LEU A 351 1.80 -6.88 25.14
C LEU A 351 2.49 -8.15 25.62
N THR A 352 2.77 -8.24 26.91
CA THR A 352 3.48 -9.39 27.47
C THR A 352 2.48 -10.41 28.01
N GLN A 353 1.73 -10.99 27.08
CA GLN A 353 0.93 -12.17 27.37
C GLN A 353 1.49 -13.44 26.73
N LYS A 354 2.11 -13.31 25.56
CA LYS A 354 2.79 -14.44 24.94
C LYS A 354 4.02 -14.89 25.72
N ASP A 355 4.52 -14.06 26.63
CA ASP A 355 5.70 -14.38 27.43
C ASP A 355 5.36 -14.78 28.86
N ILE A 356 4.08 -14.76 29.23
CA ILE A 356 3.64 -15.11 30.57
C ILE A 356 3.02 -16.50 30.60
N PHE A 357 2.14 -16.79 29.65
CA PHE A 357 1.49 -18.10 29.62
C PHE A 357 2.46 -19.26 29.46
N PRO A 358 3.34 -19.30 28.46
CA PRO A 358 4.19 -20.50 28.30
C PRO A 358 5.07 -20.81 29.50
N ALA A 359 5.44 -19.80 30.29
CA ALA A 359 6.18 -20.05 31.52
C ALA A 359 5.34 -20.80 32.54
N MET A 360 4.06 -20.46 32.68
CA MET A 360 3.23 -21.02 33.74
C MET A 360 1.82 -21.36 33.27
N GLY A 361 1.73 -22.02 32.11
CA GLY A 361 0.54 -22.75 31.71
C GLY A 361 -0.35 -22.04 30.70
N LEU A 362 -1.61 -22.51 30.66
CA LEU A 362 -2.68 -21.96 29.84
C LEU A 362 -2.48 -22.27 28.36
N ILE A 363 -1.33 -22.83 27.99
CA ILE A 363 -1.04 -23.26 26.62
C ILE A 363 -0.16 -24.50 26.67
N SER A 364 0.09 -25.09 25.51
CA SER A 364 0.85 -26.34 25.41
C SER A 364 2.34 -26.08 25.22
N GLY A 365 2.93 -25.28 26.10
CA GLY A 365 4.36 -25.06 26.02
C GLY A 365 4.75 -24.28 24.77
N ALA A 366 6.03 -24.41 24.41
CA ALA A 366 6.58 -23.75 23.24
C ALA A 366 7.03 -24.74 22.17
N ALA A 367 7.92 -25.67 22.51
CA ALA A 367 8.41 -26.65 21.54
C ALA A 367 7.58 -27.93 21.58
N GLU A 368 6.26 -27.78 21.51
CA GLU A 368 5.35 -28.92 21.53
C GLU A 368 4.25 -28.84 20.48
N VAL A 369 4.07 -27.70 19.81
CA VAL A 369 2.97 -27.47 18.90
C VAL A 369 3.50 -26.85 17.62
N ASN A 370 2.62 -26.75 16.62
CA ASN A 370 2.98 -26.18 15.33
C ASN A 370 3.14 -24.67 15.44
N ALA A 371 3.42 -24.02 14.31
CA ALA A 371 3.49 -22.57 14.30
C ALA A 371 2.10 -21.94 14.38
N LEU A 372 1.13 -22.47 13.62
CA LEU A 372 -0.22 -21.93 13.69
C LEU A 372 -0.94 -22.37 14.96
N THR A 373 -0.68 -23.57 15.45
CA THR A 373 -1.38 -24.03 16.64
C THR A 373 -0.98 -23.20 17.87
N GLU A 374 0.30 -22.87 17.99
CA GLU A 374 0.75 -22.02 19.09
C GLU A 374 0.10 -20.64 19.01
N MET A 375 0.04 -20.06 17.81
CA MET A 375 -0.60 -18.77 17.63
C MET A 375 -2.08 -18.84 17.98
N PHE A 376 -2.75 -19.92 17.56
CA PHE A 376 -4.16 -20.08 17.88
C PHE A 376 -4.38 -20.20 19.38
N GLN A 377 -3.52 -20.95 20.06
CA GLN A 377 -3.64 -21.09 21.51
C GLN A 377 -3.44 -19.75 22.20
N ILE A 378 -2.42 -18.99 21.79
CA ILE A 378 -2.17 -17.69 22.41
C ILE A 378 -3.33 -16.74 22.15
N SER A 379 -3.88 -16.76 20.93
CA SER A 379 -5.01 -15.91 20.62
C SER A 379 -6.23 -16.28 21.45
N LYS A 380 -6.49 -17.58 21.63
CA LYS A 380 -7.62 -17.99 22.45
C LYS A 380 -7.43 -17.57 23.90
N ALA A 381 -6.22 -17.72 24.43
CA ALA A 381 -5.95 -17.29 25.81
C ALA A 381 -6.17 -15.79 25.96
N SER A 382 -5.63 -15.00 25.04
CA SER A 382 -5.79 -13.55 25.10
C SER A 382 -7.25 -13.15 24.94
N PHE A 383 -7.97 -13.84 24.05
CA PHE A 383 -9.38 -13.53 23.83
C PHE A 383 -10.20 -13.83 25.07
N LEU A 384 -9.92 -14.94 25.74
CA LEU A 384 -10.64 -15.25 26.98
C LEU A 384 -10.32 -14.22 28.06
N VAL A 385 -9.04 -13.89 28.23
CA VAL A 385 -8.65 -12.93 29.26
C VAL A 385 -9.16 -11.53 28.93
N ALA A 386 -9.48 -11.25 27.66
CA ALA A 386 -10.08 -9.98 27.30
C ALA A 386 -11.61 -10.00 27.37
N LEU A 387 -12.22 -11.17 27.27
CA LEU A 387 -13.67 -11.27 27.33
C LEU A 387 -14.15 -11.33 28.77
N LEU A 388 -13.68 -12.30 29.53
CA LEU A 388 -14.06 -12.45 30.93
C LEU A 388 -13.17 -11.62 31.85
N GLY A 389 -12.23 -10.87 31.28
CA GLY A 389 -11.28 -10.05 31.99
C GLY A 389 -11.51 -8.56 31.80
N THR A 390 -10.86 -8.01 30.78
CA THR A 390 -10.92 -6.58 30.49
C THR A 390 -12.36 -6.06 30.35
N PHE A 391 -13.15 -6.70 29.50
CA PHE A 391 -14.43 -6.12 29.08
C PHE A 391 -15.41 -5.86 30.22
N PRO A 392 -15.76 -6.84 31.06
CA PRO A 392 -16.68 -6.52 32.15
C PRO A 392 -16.06 -5.63 33.21
N GLY A 393 -14.73 -5.47 33.22
CA GLY A 393 -14.15 -4.38 33.99
C GLY A 393 -14.62 -3.02 33.48
N TYR A 394 -14.60 -2.84 32.16
CA TYR A 394 -15.15 -1.61 31.58
C TYR A 394 -16.62 -1.47 31.95
N TRP A 395 -17.38 -2.55 31.86
CA TRP A 395 -18.81 -2.45 32.12
C TRP A 395 -19.09 -2.07 33.57
N VAL A 396 -18.38 -2.68 34.53
CA VAL A 396 -18.61 -2.34 35.93
C VAL A 396 -18.12 -0.93 36.23
N THR A 397 -17.02 -0.50 35.60
CA THR A 397 -16.55 0.87 35.83
C THR A 397 -17.58 1.88 35.35
N VAL A 398 -18.16 1.67 34.16
CA VAL A 398 -19.16 2.60 33.68
C VAL A 398 -20.50 2.45 34.42
N ALA A 399 -20.74 1.30 35.05
CA ALA A 399 -21.92 1.17 35.88
C ALA A 399 -21.77 1.88 37.23
N LEU A 400 -20.54 1.96 37.76
CA LEU A 400 -20.29 2.53 39.07
C LEU A 400 -19.42 3.78 39.02
N ILE A 401 -19.38 4.47 37.87
CA ILE A 401 -18.48 5.62 37.75
C ILE A 401 -18.98 6.79 38.60
N ASP A 402 -20.28 7.07 38.56
CA ASP A 402 -20.80 8.29 39.19
C ASP A 402 -21.00 8.10 40.69
N LYS A 403 -21.64 7.02 41.10
CA LYS A 403 -21.94 6.81 42.51
C LYS A 403 -20.66 6.67 43.33
N MET A 404 -19.73 5.82 42.86
CA MET A 404 -18.48 5.65 43.59
C MET A 404 -17.56 6.85 43.39
N GLY A 405 -17.49 7.37 42.18
CA GLY A 405 -16.65 8.50 41.87
C GLY A 405 -15.52 8.14 40.93
N ARG A 406 -14.51 9.01 40.91
CA ARG A 406 -13.34 8.81 40.09
C ARG A 406 -12.03 8.77 40.87
N TYR A 407 -12.02 9.23 42.12
CA TYR A 407 -10.81 9.29 42.93
C TYR A 407 -10.63 7.99 43.72
N MET A 408 -11.63 7.61 44.52
CA MET A 408 -11.53 6.37 45.28
C MET A 408 -11.42 5.19 44.34
N ILE A 409 -12.10 5.25 43.19
CA ILE A 409 -12.03 4.17 42.21
C ILE A 409 -10.59 4.00 41.74
N GLN A 410 -9.93 5.09 41.36
CA GLN A 410 -8.54 5.02 40.92
C GLN A 410 -7.65 4.50 42.04
N LEU A 411 -7.87 4.98 43.27
CA LEU A 411 -7.06 4.54 44.39
C LEU A 411 -7.15 3.04 44.60
N ILE A 412 -8.37 2.52 44.71
CA ILE A 412 -8.53 1.09 44.97
C ILE A 412 -8.10 0.27 43.77
N GLY A 413 -8.28 0.79 42.56
CA GLY A 413 -7.79 0.07 41.40
C GLY A 413 -6.29 -0.12 41.44
N PHE A 414 -5.56 0.95 41.74
CA PHE A 414 -4.10 0.83 41.86
C PHE A 414 -3.71 -0.11 43.00
N PHE A 415 -4.41 -0.01 44.13
CA PHE A 415 -4.06 -0.83 45.29
C PHE A 415 -4.26 -2.31 44.96
N MET A 416 -5.35 -2.65 44.28
CA MET A 416 -5.59 -4.04 43.89
C MET A 416 -4.61 -4.50 42.83
N MET A 417 -4.29 -3.65 41.85
CA MET A 417 -3.17 -3.93 40.96
C MET A 417 -1.96 -4.41 41.76
N SER A 418 -1.53 -3.58 42.72
CA SER A 418 -0.30 -3.87 43.45
C SER A 418 -0.42 -5.19 44.21
N MET A 419 -1.50 -5.37 44.96
CA MET A 419 -1.60 -6.59 45.77
C MET A 419 -1.68 -7.85 44.91
N PHE A 420 -2.51 -7.83 43.87
CA PHE A 420 -2.67 -9.03 43.06
C PHE A 420 -1.40 -9.37 42.29
N MET A 421 -0.72 -8.35 41.76
CA MET A 421 0.52 -8.61 41.04
C MET A 421 1.64 -9.05 41.98
N LEU A 422 1.66 -8.52 43.21
CA LEU A 422 2.59 -8.99 44.22
C LEU A 422 2.32 -10.45 44.57
N ALA A 423 1.05 -10.82 44.70
CA ALA A 423 0.71 -12.21 44.98
C ALA A 423 1.13 -13.11 43.82
N MET A 424 0.97 -12.63 42.59
CA MET A 424 1.45 -13.38 41.43
C MET A 424 2.95 -13.59 41.50
N GLY A 425 3.70 -12.53 41.84
CA GLY A 425 5.15 -12.66 41.89
C GLY A 425 5.64 -13.59 42.98
N ILE A 426 5.07 -13.45 44.19
CA ILE A 426 5.58 -14.20 45.34
C ILE A 426 5.25 -15.69 45.21
N LEU A 427 4.02 -16.00 44.82
CA LEU A 427 3.54 -17.39 44.79
C LEU A 427 3.73 -18.07 43.44
N TYR A 428 4.77 -17.67 42.69
CA TYR A 428 4.96 -18.16 41.33
C TYR A 428 4.94 -19.69 41.27
N ASP A 429 5.52 -20.35 42.27
CA ASP A 429 5.48 -21.81 42.33
C ASP A 429 4.05 -22.31 42.44
N TYR A 430 3.22 -21.62 43.23
CA TYR A 430 1.82 -22.03 43.35
C TYR A 430 1.08 -21.87 42.03
N LEU A 431 1.35 -20.80 41.28
CA LEU A 431 0.78 -20.72 39.94
C LEU A 431 1.31 -21.82 39.03
N LYS A 432 2.53 -22.29 39.27
CA LYS A 432 2.99 -23.50 38.59
C LYS A 432 2.12 -24.69 38.94
N THR A 433 1.79 -24.86 40.23
CA THR A 433 0.99 -26.02 40.64
C THR A 433 -0.43 -25.94 40.10
N HIS A 434 -1.10 -24.80 40.28
CA HIS A 434 -2.49 -24.62 39.91
C HIS A 434 -2.59 -23.63 38.75
N HIS A 435 -3.29 -24.06 37.68
CA HIS A 435 -3.45 -23.22 36.49
C HIS A 435 -4.74 -22.42 36.50
N PHE A 436 -5.82 -23.00 37.04
CA PHE A 436 -7.08 -22.27 37.13
C PHE A 436 -6.95 -21.05 38.05
N LEU A 437 -6.20 -21.20 39.14
CA LEU A 437 -5.94 -20.06 40.02
C LEU A 437 -5.18 -18.97 39.28
N PHE A 438 -4.19 -19.37 38.46
CA PHE A 438 -3.49 -18.38 37.65
C PHE A 438 -4.43 -17.69 36.67
N GLY A 439 -5.32 -18.45 36.03
CA GLY A 439 -6.27 -17.83 35.12
C GLY A 439 -7.17 -16.82 35.81
N LEU A 440 -7.68 -17.18 36.98
CA LEU A 440 -8.50 -16.26 37.76
C LEU A 440 -7.70 -15.03 38.17
N LEU A 441 -6.45 -15.22 38.59
CA LEU A 441 -5.62 -14.11 39.03
C LEU A 441 -5.35 -13.15 37.88
N TYR A 442 -5.00 -13.66 36.71
CA TYR A 442 -4.77 -12.80 35.55
C TYR A 442 -6.04 -12.08 35.15
N ALA A 443 -7.17 -12.79 35.14
CA ALA A 443 -8.42 -12.16 34.77
C ALA A 443 -8.77 -11.02 35.71
N LEU A 444 -8.58 -11.24 37.01
CA LEU A 444 -8.89 -10.19 37.98
C LEU A 444 -7.88 -9.06 37.93
N THR A 445 -6.62 -9.34 37.54
CA THR A 445 -5.68 -8.25 37.33
C THR A 445 -6.17 -7.35 36.20
N PHE A 446 -6.60 -7.94 35.09
CA PHE A 446 -7.18 -7.13 34.02
C PHE A 446 -8.44 -6.42 34.48
N PHE A 447 -9.27 -7.10 35.27
CA PHE A 447 -10.53 -6.54 35.73
C PHE A 447 -10.30 -5.30 36.59
N PHE A 448 -9.37 -5.37 37.54
CA PHE A 448 -9.04 -4.21 38.36
C PHE A 448 -8.20 -3.20 37.61
N ALA A 449 -7.55 -3.60 36.52
CA ALA A 449 -6.93 -2.63 35.64
C ALA A 449 -7.97 -1.76 34.97
N ASN A 450 -9.06 -2.37 34.51
CA ASN A 450 -10.17 -1.64 33.94
C ASN A 450 -10.98 -0.91 35.01
N PHE A 451 -11.25 -1.59 36.12
CA PHE A 451 -11.97 -1.01 37.25
C PHE A 451 -10.93 -0.25 38.08
N GLY A 452 -10.58 0.93 37.58
CA GLY A 452 -9.56 1.73 38.19
C GLY A 452 -9.12 2.88 37.31
N PRO A 453 -7.80 3.05 37.18
CA PRO A 453 -7.28 4.23 36.49
C PRO A 453 -7.59 4.26 35.01
N ASN A 454 -7.86 3.12 34.37
CA ASN A 454 -8.01 3.10 32.92
C ASN A 454 -9.18 3.94 32.44
N SER A 455 -10.13 4.27 33.32
CA SER A 455 -11.27 5.10 32.95
C SER A 455 -11.24 6.46 33.62
N THR A 456 -10.23 6.74 34.44
CA THR A 456 -10.14 8.00 35.16
C THR A 456 -8.94 8.86 34.76
N THR A 457 -7.81 8.26 34.40
CA THR A 457 -6.66 9.04 33.97
C THR A 457 -6.94 9.77 32.66
N PHE A 458 -7.65 9.12 31.74
CA PHE A 458 -7.96 9.72 30.45
C PHE A 458 -9.00 10.81 30.54
N VAL A 459 -9.65 10.98 31.69
CA VAL A 459 -10.44 12.18 32.00
C VAL A 459 -9.82 13.01 33.10
N LEU A 460 -8.67 12.60 33.63
CA LEU A 460 -8.00 13.40 34.66
C LEU A 460 -7.65 14.81 34.20
N PRO A 461 -7.12 15.04 32.99
CA PRO A 461 -6.91 16.43 32.56
C PRO A 461 -8.19 17.23 32.53
N ALA A 462 -9.33 16.60 32.26
CA ALA A 462 -10.60 17.28 32.34
C ALA A 462 -10.95 17.60 33.79
N GLU A 463 -11.84 18.58 33.96
CA GLU A 463 -12.28 19.15 35.23
C GLU A 463 -11.18 19.89 35.96
N LEU A 464 -9.95 19.92 35.43
CA LEU A 464 -8.85 20.69 35.97
C LEU A 464 -8.11 21.32 34.80
N PHE A 465 -7.09 22.13 35.10
CA PHE A 465 -6.28 22.75 34.06
C PHE A 465 -7.16 23.59 33.13
N PRO A 466 -7.60 24.77 33.57
CA PRO A 466 -8.58 25.56 32.78
C PRO A 466 -8.09 25.86 31.38
N THR A 467 -9.00 26.46 30.60
CA THR A 467 -8.87 26.51 29.14
C THR A 467 -7.62 27.27 28.67
N ARG A 468 -6.99 28.06 29.54
CA ARG A 468 -5.77 28.76 29.14
C ARG A 468 -4.68 27.76 28.76
N VAL A 469 -4.52 26.70 29.54
CA VAL A 469 -3.50 25.69 29.28
C VAL A 469 -4.13 24.31 29.28
N ARG A 470 -5.43 24.22 28.99
CA ARG A 470 -6.12 22.95 28.99
C ARG A 470 -5.54 22.02 27.92
N SER A 471 -5.45 22.50 26.68
CA SER A 471 -4.93 21.70 25.59
C SER A 471 -3.47 21.32 25.82
N THR A 472 -2.66 22.26 26.28
CA THR A 472 -1.25 21.97 26.54
C THR A 472 -1.09 20.93 27.64
N CYS A 473 -1.85 21.09 28.73
CA CYS A 473 -1.75 20.13 29.83
C CYS A 473 -2.16 18.73 29.36
N HIS A 474 -3.26 18.65 28.60
CA HIS A 474 -3.68 17.35 28.08
C HIS A 474 -2.62 16.77 27.15
N ALA A 475 -1.98 17.62 26.35
CA ALA A 475 -0.95 17.15 25.43
C ALA A 475 0.23 16.55 26.18
N ILE A 476 0.72 17.25 27.20
CA ILE A 476 1.85 16.71 27.96
C ILE A 476 1.43 15.44 28.70
N SER A 477 0.20 15.39 29.20
CA SER A 477 -0.27 14.20 29.90
C SER A 477 -0.31 13.00 28.97
N ALA A 478 -0.84 13.19 27.76
CA ALA A 478 -0.89 12.10 26.79
C ALA A 478 0.50 11.70 26.33
N ALA A 479 1.40 12.67 26.18
CA ALA A 479 2.78 12.36 25.81
C ALA A 479 3.45 11.53 26.89
N ALA A 480 3.20 11.87 28.16
CA ALA A 480 3.72 11.06 29.26
C ALA A 480 3.14 9.65 29.23
N GLY A 481 1.85 9.53 28.94
CA GLY A 481 1.25 8.21 28.85
C GLY A 481 1.86 7.36 27.75
N LYS A 482 2.08 7.96 26.58
CA LYS A 482 2.69 7.18 25.50
C LYS A 482 4.16 6.91 25.76
N ALA A 483 4.84 7.78 26.51
CA ALA A 483 6.19 7.47 26.96
C ALA A 483 6.17 6.27 27.90
N GLY A 484 5.16 6.19 28.76
CA GLY A 484 4.99 5.01 29.60
C GLY A 484 4.76 3.76 28.77
N ALA A 485 3.95 3.86 27.73
CA ALA A 485 3.76 2.72 26.84
C ALA A 485 5.07 2.32 26.17
N ILE A 486 5.86 3.32 25.76
CA ILE A 486 7.14 3.05 25.10
C ILE A 486 8.08 2.31 26.03
N VAL A 487 8.22 2.79 27.27
CA VAL A 487 9.10 2.11 28.21
C VAL A 487 8.53 0.75 28.57
N ALA A 488 7.22 0.57 28.53
CA ALA A 488 6.66 -0.76 28.70
C ALA A 488 7.08 -1.70 27.58
N ALA A 489 7.08 -1.21 26.34
CA ALA A 489 7.42 -2.07 25.21
C ALA A 489 8.92 -2.36 25.15
N PHE A 490 9.76 -1.35 25.34
CA PHE A 490 11.21 -1.51 25.27
C PHE A 490 11.86 -1.81 26.61
N GLY A 491 11.08 -1.89 27.68
CA GLY A 491 11.58 -2.15 29.01
C GLY A 491 11.16 -3.50 29.54
N ILE A 492 10.06 -3.52 30.31
CA ILE A 492 9.59 -4.74 30.96
C ILE A 492 9.51 -5.91 29.99
N GLN A 493 9.15 -5.63 28.74
CA GLN A 493 9.10 -6.69 27.73
C GLN A 493 10.46 -7.33 27.51
N LYS A 494 11.52 -6.51 27.58
CA LYS A 494 12.87 -7.05 27.47
C LYS A 494 13.18 -7.99 28.62
N LEU A 495 12.77 -7.64 29.84
CA LEU A 495 12.99 -8.53 30.97
C LEU A 495 12.23 -9.84 30.79
N THR A 496 10.98 -9.76 30.34
CA THR A 496 10.15 -10.96 30.26
C THR A 496 10.59 -11.88 29.13
N TYR A 497 11.06 -11.31 28.02
CA TYR A 497 11.40 -12.13 26.85
C TYR A 497 12.58 -13.05 27.13
N ASN A 498 13.45 -12.69 28.08
CA ASN A 498 14.59 -13.54 28.39
C ASN A 498 14.17 -14.90 28.90
N SER A 499 13.01 -14.97 29.57
CA SER A 499 12.48 -16.23 30.11
C SER A 499 13.48 -16.88 31.05
N GLN A 500 14.18 -16.07 31.83
CA GLN A 500 15.19 -16.52 32.77
C GLN A 500 14.62 -16.88 34.14
N VAL A 501 13.32 -17.14 34.22
CA VAL A 501 12.60 -17.48 35.45
C VAL A 501 12.68 -16.33 36.45
N LYS A 502 13.88 -16.06 36.96
CA LYS A 502 14.07 -14.93 37.86
C LYS A 502 13.76 -13.60 37.17
N SER A 503 13.94 -13.53 35.84
CA SER A 503 13.61 -12.32 35.11
C SER A 503 12.12 -12.03 35.15
N ILE A 504 11.28 -13.06 35.04
CA ILE A 504 9.84 -12.86 35.13
C ILE A 504 9.45 -12.33 36.50
N LYS A 505 10.05 -12.91 37.55
CA LYS A 505 9.78 -12.44 38.90
C LYS A 505 10.23 -10.99 39.08
N LYS A 506 11.39 -10.64 38.54
CA LYS A 506 11.86 -9.26 38.62
C LYS A 506 10.91 -8.31 37.90
N ALA A 507 10.40 -8.73 36.74
CA ALA A 507 9.45 -7.90 36.00
C ALA A 507 8.17 -7.71 36.80
N LEU A 508 7.67 -8.77 37.42
CA LEU A 508 6.47 -8.65 38.25
C LEU A 508 6.71 -7.73 39.43
N ILE A 509 7.88 -7.85 40.06
CA ILE A 509 8.19 -7.00 41.23
C ILE A 509 8.28 -5.54 40.81
N ILE A 510 8.96 -5.24 39.71
CA ILE A 510 9.10 -3.85 39.30
C ILE A 510 7.76 -3.28 38.85
N LEU A 511 6.91 -4.09 38.20
CA LEU A 511 5.57 -3.62 37.86
C LEU A 511 4.73 -3.36 39.11
N SER A 512 4.83 -4.23 40.12
CA SER A 512 4.11 -3.98 41.38
C SER A 512 4.60 -2.71 42.06
N ILE A 513 5.90 -2.48 42.04
CA ILE A 513 6.45 -1.24 42.60
C ILE A 513 5.90 -0.03 41.85
N THR A 514 5.86 -0.13 40.51
CA THR A 514 5.29 0.96 39.71
C THR A 514 3.85 1.23 40.08
N ASN A 515 3.06 0.17 40.27
CA ASN A 515 1.65 0.36 40.61
C ASN A 515 1.48 0.90 42.03
N MET A 516 2.35 0.52 42.95
CA MET A 516 2.34 1.14 44.27
C MET A 516 2.65 2.62 44.18
N LEU A 517 3.62 2.99 43.33
CA LEU A 517 3.91 4.40 43.10
C LEU A 517 2.70 5.13 42.53
N GLY A 518 1.97 4.48 41.62
CA GLY A 518 0.78 5.10 41.08
C GLY A 518 -0.30 5.30 42.13
N PHE A 519 -0.48 4.30 43.00
CA PHE A 519 -1.43 4.44 44.10
C PHE A 519 -1.04 5.61 44.99
N PHE A 520 0.25 5.76 45.29
CA PHE A 520 0.70 6.88 46.11
C PHE A 520 0.46 8.21 45.40
N PHE A 521 0.72 8.27 44.10
CA PHE A 521 0.62 9.51 43.35
C PHE A 521 -0.83 9.89 43.02
N THR A 522 -1.76 8.96 43.19
CA THR A 522 -3.17 9.28 42.99
C THR A 522 -3.63 10.33 44.00
N PHE A 523 -3.10 10.27 45.23
CA PHE A 523 -3.50 11.20 46.28
C PHE A 523 -3.22 12.66 45.92
N LEU A 524 -2.28 12.91 45.01
CA LEU A 524 -1.88 14.27 44.71
C LEU A 524 -2.98 15.09 44.05
N VAL A 525 -3.97 14.45 43.47
CA VAL A 525 -5.10 15.13 42.84
C VAL A 525 -6.36 14.83 43.67
N PRO A 526 -7.18 15.83 43.96
CA PRO A 526 -8.43 15.58 44.68
C PRO A 526 -9.60 15.42 43.72
N GLU A 527 -10.75 15.09 44.28
CA GLU A 527 -12.01 15.06 43.54
C GLU A 527 -12.95 16.09 44.13
N THR A 528 -13.47 16.98 43.28
CA THR A 528 -14.38 18.03 43.73
C THR A 528 -15.45 18.30 42.68
N MET B 52 6.46 33.26 -22.95
CA MET B 52 7.76 32.61 -22.91
C MET B 52 7.83 31.54 -21.82
N TYR B 53 6.77 31.45 -21.02
CA TYR B 53 6.72 30.46 -19.94
C TYR B 53 5.52 29.54 -20.07
N HIS B 54 4.99 29.34 -21.28
CA HIS B 54 3.79 28.53 -21.45
C HIS B 54 4.10 27.03 -21.44
N MET B 55 5.35 26.64 -21.64
CA MET B 55 5.65 25.21 -21.53
C MET B 55 5.44 24.71 -20.11
N LYS B 56 5.60 25.57 -19.10
CA LYS B 56 5.20 25.20 -17.75
C LYS B 56 3.74 24.78 -17.72
N ALA B 57 2.88 25.58 -18.35
CA ALA B 57 1.47 25.25 -18.41
C ALA B 57 1.25 23.94 -19.14
N ILE B 58 2.02 23.69 -20.21
CA ILE B 58 1.83 22.43 -20.94
C ILE B 58 2.22 21.25 -20.06
N VAL B 59 3.25 21.41 -19.21
CA VAL B 59 3.60 20.32 -18.29
C VAL B 59 2.51 20.11 -17.26
N ILE B 60 1.96 21.19 -16.69
CA ILE B 60 0.89 21.00 -15.72
C ILE B 60 -0.33 20.37 -16.38
N ALA B 61 -0.54 20.63 -17.67
CA ALA B 61 -1.66 20.01 -18.37
C ALA B 61 -1.40 18.54 -18.68
N GLY B 62 -0.19 18.21 -19.10
CA GLY B 62 0.13 16.87 -19.58
C GLY B 62 0.81 15.94 -18.59
N MET B 63 0.94 16.33 -17.32
CA MET B 63 1.45 15.35 -16.36
C MET B 63 0.54 14.15 -16.23
N GLY B 64 -0.76 14.28 -16.54
CA GLY B 64 -1.63 13.13 -16.58
C GLY B 64 -1.23 12.10 -17.62
N PHE B 65 -0.76 12.56 -18.79
CA PHE B 65 -0.19 11.66 -19.78
C PHE B 65 1.21 11.20 -19.42
N PHE B 66 1.98 12.06 -18.75
CA PHE B 66 3.33 11.67 -18.33
C PHE B 66 3.26 10.47 -17.38
N THR B 67 2.37 10.54 -16.39
CA THR B 67 2.21 9.43 -15.47
C THR B 67 1.58 8.22 -16.17
N ASP B 68 0.69 8.45 -17.12
CA ASP B 68 0.11 7.34 -17.87
C ASP B 68 1.20 6.58 -18.61
N ALA B 69 2.10 7.31 -19.28
CA ALA B 69 3.21 6.67 -20.00
C ALA B 69 4.15 5.96 -19.04
N TYR B 70 4.62 6.66 -18.00
CA TYR B 70 5.45 5.97 -17.01
C TYR B 70 4.59 5.33 -15.93
N ASP B 71 3.50 4.71 -16.35
CA ASP B 71 2.78 3.72 -15.56
C ASP B 71 2.47 2.52 -16.43
N LEU B 72 2.33 2.73 -17.73
CA LEU B 72 2.07 1.62 -18.64
C LEU B 72 3.33 1.07 -19.30
N PHE B 73 4.34 1.91 -19.58
CA PHE B 73 5.52 1.47 -20.30
C PHE B 73 6.72 1.25 -19.38
N CYS B 74 6.53 1.25 -18.07
CA CYS B 74 7.58 0.91 -17.13
C CYS B 74 7.65 -0.58 -16.82
N ILE B 75 6.66 -1.36 -17.28
CA ILE B 75 6.64 -2.79 -17.01
C ILE B 75 7.35 -3.59 -18.07
N SER B 76 7.65 -3.00 -19.23
CA SER B 76 8.35 -3.74 -20.28
C SER B 76 9.83 -3.91 -19.97
N THR B 77 10.43 -2.96 -19.25
CA THR B 77 11.86 -3.04 -18.96
C THR B 77 12.20 -4.03 -17.87
N VAL B 78 11.24 -4.46 -17.06
CA VAL B 78 11.48 -5.39 -15.97
C VAL B 78 10.79 -6.72 -16.18
N SER B 79 10.05 -6.90 -17.28
CA SER B 79 9.33 -8.14 -17.49
C SER B 79 10.27 -9.33 -17.63
N LYS B 80 11.48 -9.10 -18.16
CA LYS B 80 12.47 -10.17 -18.18
C LYS B 80 12.92 -10.54 -16.78
N LEU B 81 13.10 -9.54 -15.91
CA LEU B 81 13.57 -9.80 -14.56
C LEU B 81 12.57 -10.60 -13.75
N LEU B 82 11.27 -10.29 -13.89
CA LEU B 82 10.25 -11.01 -13.14
C LEU B 82 10.16 -12.47 -13.53
N GLY B 83 10.78 -12.87 -14.64
CA GLY B 83 10.88 -14.26 -15.00
C GLY B 83 12.21 -14.84 -14.60
N ARG B 84 13.27 -14.06 -14.77
CA ARG B 84 14.61 -14.52 -14.40
C ARG B 84 14.69 -14.85 -12.92
N LEU B 85 14.04 -14.05 -12.08
CA LEU B 85 14.11 -14.26 -10.64
C LEU B 85 13.14 -15.34 -10.19
N TYR B 86 11.85 -15.12 -10.40
CA TYR B 86 10.82 -15.95 -9.78
C TYR B 86 10.36 -17.11 -10.65
N TYR B 87 10.57 -17.03 -11.96
CA TYR B 87 10.07 -18.05 -12.88
C TYR B 87 11.17 -18.93 -13.45
N GLN B 88 12.40 -18.81 -12.95
CA GLN B 88 13.51 -19.59 -13.47
C GLN B 88 13.81 -20.73 -12.51
N PRO B 89 13.58 -21.98 -12.90
CA PRO B 89 14.05 -23.10 -12.07
C PRO B 89 15.55 -23.10 -11.97
N ASP B 90 16.06 -23.53 -10.82
CA ASP B 90 17.48 -23.54 -10.56
C ASP B 90 18.19 -24.77 -11.12
N GLY B 91 17.60 -25.45 -12.10
CA GLY B 91 18.15 -26.70 -12.57
C GLY B 91 18.06 -26.85 -14.07
N SER B 92 18.98 -27.66 -14.60
CA SER B 92 19.02 -28.17 -15.97
C SER B 92 19.41 -27.14 -17.02
N THR B 93 19.43 -25.85 -16.65
CA THR B 93 20.05 -24.76 -17.40
C THR B 93 19.96 -24.91 -18.92
N ASP B 94 18.78 -25.26 -19.44
CA ASP B 94 18.70 -25.70 -20.82
C ASP B 94 18.70 -24.53 -21.80
N SER B 95 17.67 -23.69 -21.75
CA SER B 95 17.53 -22.57 -22.67
C SER B 95 18.13 -21.32 -22.03
N LYS B 96 17.81 -20.16 -22.61
CA LYS B 96 18.07 -18.87 -21.98
C LYS B 96 17.48 -18.88 -20.58
N PRO B 97 17.93 -17.99 -19.67
CA PRO B 97 17.34 -17.94 -18.34
C PRO B 97 15.83 -17.90 -18.39
N GLY B 98 15.18 -18.85 -17.72
CA GLY B 98 13.74 -18.98 -17.78
C GLY B 98 13.03 -17.69 -17.44
N ALA B 99 12.11 -17.28 -18.30
CA ALA B 99 11.36 -16.06 -18.14
C ALA B 99 9.88 -16.39 -17.97
N LEU B 100 9.05 -15.35 -17.94
CA LEU B 100 7.62 -15.54 -17.77
C LEU B 100 7.08 -16.41 -18.89
N SER B 101 6.15 -17.29 -18.53
CA SER B 101 5.47 -18.09 -19.54
C SER B 101 4.62 -17.18 -20.42
N LYS B 102 4.17 -17.71 -21.56
CA LYS B 102 3.39 -16.90 -22.49
C LYS B 102 2.14 -16.34 -21.81
N THR B 103 1.41 -17.18 -21.08
CA THR B 103 0.25 -16.70 -20.34
C THR B 103 0.65 -15.70 -19.26
N ALA B 104 1.71 -16.00 -18.52
CA ALA B 104 2.14 -15.11 -17.45
C ALA B 104 2.59 -13.76 -17.99
N ASN B 105 3.38 -13.76 -19.08
CA ASN B 105 3.82 -12.50 -19.66
C ASN B 105 2.65 -11.70 -20.21
N ASN B 106 1.73 -12.36 -20.93
CA ASN B 106 0.57 -11.65 -21.45
C ASN B 106 -0.24 -11.03 -20.32
N MET B 107 -0.45 -11.78 -19.23
CA MET B 107 -1.20 -11.24 -18.10
C MET B 107 -0.48 -10.06 -17.47
N VAL B 108 0.81 -10.23 -17.13
CA VAL B 108 1.54 -9.16 -16.46
C VAL B 108 1.53 -7.90 -17.32
N ILE B 109 1.60 -8.06 -18.64
CA ILE B 109 1.56 -6.90 -19.52
C ILE B 109 0.17 -6.28 -19.56
N GLY B 110 -0.87 -7.11 -19.63
CA GLY B 110 -2.19 -6.64 -20.00
C GLY B 110 -3.22 -6.41 -18.91
N VAL B 111 -2.93 -6.76 -17.65
CA VAL B 111 -3.89 -6.42 -16.60
C VAL B 111 -4.04 -4.92 -16.48
N ALA B 112 -2.95 -4.16 -16.68
CA ALA B 112 -3.06 -2.71 -16.61
C ALA B 112 -4.03 -2.19 -17.66
N LEU B 113 -3.99 -2.75 -18.88
CA LEU B 113 -4.88 -2.27 -19.93
C LEU B 113 -6.32 -2.75 -19.71
N VAL B 114 -6.48 -3.96 -19.18
CA VAL B 114 -7.83 -4.41 -18.79
C VAL B 114 -8.42 -3.45 -17.77
N GLY B 115 -7.62 -3.11 -16.76
CA GLY B 115 -8.09 -2.19 -15.74
C GLY B 115 -8.34 -0.80 -16.29
N THR B 116 -7.56 -0.36 -17.26
CA THR B 116 -7.78 0.97 -17.81
C THR B 116 -9.05 1.02 -18.66
N LEU B 117 -9.36 -0.05 -19.39
CA LEU B 117 -10.64 -0.06 -20.11
C LEU B 117 -11.81 -0.11 -19.13
N MET B 118 -11.70 -0.94 -18.08
CA MET B 118 -12.76 -1.00 -17.06
C MET B 118 -12.95 0.34 -16.38
N GLY B 119 -11.84 1.00 -16.03
CA GLY B 119 -11.93 2.29 -15.38
C GLY B 119 -12.51 3.36 -16.28
N GLN B 120 -12.10 3.37 -17.55
CA GLN B 120 -12.67 4.31 -18.50
C GLN B 120 -14.19 4.15 -18.56
N LEU B 121 -14.66 2.92 -18.77
CA LEU B 121 -16.10 2.72 -18.88
C LEU B 121 -16.83 3.11 -17.59
N VAL B 122 -16.34 2.62 -16.45
CA VAL B 122 -17.07 2.82 -15.20
C VAL B 122 -17.08 4.30 -14.80
N PHE B 123 -15.90 4.94 -14.83
CA PHE B 123 -15.82 6.33 -14.42
C PHE B 123 -16.37 7.28 -15.47
N GLY B 124 -16.62 6.81 -16.69
CA GLY B 124 -17.28 7.66 -17.67
C GLY B 124 -18.78 7.57 -17.59
N TYR B 125 -19.30 6.37 -17.29
CA TYR B 125 -20.74 6.21 -17.18
C TYR B 125 -21.25 6.55 -15.78
N PHE B 126 -20.37 6.69 -14.80
CA PHE B 126 -20.78 7.06 -13.44
C PHE B 126 -20.09 8.34 -12.96
N GLY B 127 -19.26 8.96 -13.78
CA GLY B 127 -18.53 10.14 -13.35
C GLY B 127 -19.22 11.44 -13.69
N ASP B 128 -20.48 11.60 -13.25
CA ASP B 128 -21.19 12.85 -13.47
C ASP B 128 -21.84 13.33 -12.18
N LYS B 129 -22.05 12.42 -11.23
CA LYS B 129 -22.54 12.78 -9.91
C LYS B 129 -21.43 13.47 -9.13
N LEU B 130 -20.23 13.43 -9.69
CA LEU B 130 -19.02 13.98 -9.08
C LEU B 130 -18.00 14.21 -10.19
N GLY B 131 -17.03 15.08 -9.98
CA GLY B 131 -16.04 15.30 -11.02
C GLY B 131 -15.13 16.46 -10.69
N ARG B 132 -13.94 16.39 -11.29
CA ARG B 132 -12.94 17.45 -11.37
C ARG B 132 -12.25 17.63 -10.01
N LYS B 133 -12.86 17.10 -8.95
CA LYS B 133 -12.15 16.95 -7.70
C LYS B 133 -12.37 15.55 -7.14
N ARG B 134 -13.60 15.07 -7.23
CA ARG B 134 -13.96 13.77 -6.67
C ARG B 134 -13.67 12.61 -7.61
N VAL B 135 -13.30 12.89 -8.86
CA VAL B 135 -12.89 11.84 -9.79
C VAL B 135 -11.47 12.17 -10.22
N TYR B 136 -10.84 13.11 -9.50
CA TYR B 136 -9.48 13.51 -9.84
C TYR B 136 -8.57 13.33 -8.63
N GLY B 137 -9.16 13.24 -7.44
CA GLY B 137 -8.41 12.91 -6.25
C GLY B 137 -8.59 11.45 -5.89
N VAL B 138 -9.49 10.78 -6.62
CA VAL B 138 -9.68 9.35 -6.43
C VAL B 138 -8.74 8.57 -7.32
N THR B 139 -8.78 8.83 -8.63
CA THR B 139 -7.94 8.10 -9.56
C THR B 139 -6.46 8.38 -9.32
N LEU B 140 -6.11 9.65 -9.07
CA LEU B 140 -4.70 9.98 -8.83
C LEU B 140 -4.19 9.34 -7.54
N ILE B 141 -5.00 9.33 -6.49
CA ILE B 141 -4.59 8.66 -5.26
C ILE B 141 -4.50 7.15 -5.46
N LEU B 142 -5.38 6.57 -6.29
CA LEU B 142 -5.27 5.16 -6.62
C LEU B 142 -3.94 4.88 -7.32
N MET B 143 -3.60 5.70 -8.31
CA MET B 143 -2.37 5.61 -9.09
C MET B 143 -1.13 5.94 -8.30
N ALA B 144 -1.27 6.18 -7.00
CA ALA B 144 -0.13 6.34 -6.11
C ALA B 144 -0.13 5.35 -4.97
N ALA B 145 -1.30 4.83 -4.57
CA ALA B 145 -1.36 3.81 -3.54
C ALA B 145 -1.11 2.43 -4.14
N CYS B 146 -1.93 2.05 -5.14
CA CYS B 146 -1.70 0.76 -5.77
C CYS B 146 -0.45 0.76 -6.63
N ALA B 147 0.03 1.93 -7.06
CA ALA B 147 1.33 1.98 -7.73
C ALA B 147 2.44 1.52 -6.81
N ILE B 148 2.43 1.99 -5.56
CA ILE B 148 3.41 1.53 -4.59
C ILE B 148 3.15 0.07 -4.22
N GLY B 149 1.87 -0.30 -4.10
CA GLY B 149 1.52 -1.69 -3.81
C GLY B 149 2.02 -2.67 -4.86
N SER B 150 2.13 -2.23 -6.11
CA SER B 150 2.70 -3.08 -7.15
C SER B 150 4.15 -3.45 -6.86
N GLY B 151 4.87 -2.66 -6.07
CA GLY B 151 6.21 -2.96 -5.66
C GLY B 151 6.33 -3.79 -4.41
N LEU B 152 5.21 -4.24 -3.84
CA LEU B 152 5.21 -5.04 -2.63
C LEU B 152 4.62 -6.42 -2.93
N SER B 153 4.96 -7.39 -2.08
CA SER B 153 4.59 -8.79 -2.28
C SER B 153 3.78 -9.31 -1.11
N PHE B 154 2.89 -10.25 -1.41
CA PHE B 154 2.08 -10.95 -0.43
C PHE B 154 2.75 -12.22 0.06
N GLY B 155 3.97 -12.50 -0.38
CA GLY B 155 4.65 -13.72 0.02
C GLY B 155 5.96 -13.87 -0.72
N SER B 156 6.38 -15.13 -0.89
CA SER B 156 7.57 -15.45 -1.66
C SER B 156 7.31 -16.41 -2.81
N SER B 157 6.12 -16.98 -2.91
CA SER B 157 5.80 -17.86 -4.02
C SER B 157 5.73 -17.08 -5.32
N ARG B 158 6.20 -17.72 -6.40
CA ARG B 158 6.13 -17.08 -7.70
C ARG B 158 4.70 -16.85 -8.17
N LYS B 159 3.74 -17.60 -7.62
CA LYS B 159 2.33 -17.33 -7.88
C LYS B 159 1.73 -16.35 -6.89
N ALA B 160 2.49 -15.92 -5.89
CA ALA B 160 2.05 -14.92 -4.91
C ALA B 160 2.55 -13.53 -5.28
N VAL B 161 3.84 -13.40 -5.60
CA VAL B 161 4.37 -12.11 -6.03
C VAL B 161 3.75 -11.69 -7.35
N ILE B 162 3.64 -12.61 -8.30
CA ILE B 162 3.00 -12.28 -9.58
C ILE B 162 1.53 -11.97 -9.37
N GLY B 163 0.86 -12.70 -8.48
CA GLY B 163 -0.53 -12.40 -8.18
C GLY B 163 -0.72 -11.00 -7.62
N THR B 164 0.13 -10.63 -6.66
CA THR B 164 0.05 -9.29 -6.09
C THR B 164 0.36 -8.23 -7.14
N LEU B 165 1.36 -8.48 -7.99
CA LEU B 165 1.71 -7.52 -9.03
C LEU B 165 0.54 -7.31 -9.99
N CYS B 166 -0.09 -8.40 -10.43
CA CYS B 166 -1.23 -8.26 -11.34
C CYS B 166 -2.40 -7.57 -10.65
N PHE B 167 -2.65 -7.90 -9.39
CA PHE B 167 -3.77 -7.30 -8.67
C PHE B 167 -3.57 -5.81 -8.48
N PHE B 168 -2.34 -5.39 -8.18
CA PHE B 168 -2.07 -3.98 -7.94
C PHE B 168 -1.75 -3.22 -9.22
N ARG B 169 -1.63 -3.90 -10.35
CA ARG B 169 -1.62 -3.20 -11.64
C ARG B 169 -3.00 -3.10 -12.26
N PHE B 170 -3.93 -3.98 -11.88
CA PHE B 170 -5.32 -3.81 -12.31
C PHE B 170 -5.86 -2.46 -11.85
N TRP B 171 -5.63 -2.12 -10.58
CA TRP B 171 -6.09 -0.83 -10.10
C TRP B 171 -5.23 0.32 -10.60
N LEU B 172 -3.97 0.04 -10.95
CA LEU B 172 -3.19 1.05 -11.66
C LEU B 172 -3.88 1.43 -12.96
N GLY B 173 -4.30 0.43 -13.72
CA GLY B 173 -5.10 0.70 -14.91
C GLY B 173 -6.41 1.38 -14.59
N PHE B 174 -7.05 0.97 -13.49
CA PHE B 174 -8.31 1.60 -13.08
C PHE B 174 -8.12 3.11 -12.91
N GLY B 175 -7.04 3.52 -12.27
CA GLY B 175 -6.72 4.94 -12.20
C GLY B 175 -6.37 5.53 -13.54
N ILE B 176 -5.57 4.81 -14.34
CA ILE B 176 -5.16 5.25 -15.67
C ILE B 176 -6.34 5.43 -16.61
N GLY B 177 -7.50 4.92 -16.24
CA GLY B 177 -8.66 4.87 -17.11
C GLY B 177 -9.51 6.11 -16.98
N GLY B 178 -10.61 6.03 -16.23
CA GLY B 178 -11.59 7.10 -16.15
C GLY B 178 -11.07 8.50 -15.88
N ASP B 179 -9.80 8.62 -15.51
CA ASP B 179 -9.13 9.90 -15.39
C ASP B 179 -8.82 10.41 -16.80
N TYR B 180 -9.52 11.46 -17.24
CA TYR B 180 -9.35 11.97 -18.59
C TYR B 180 -8.26 13.04 -18.55
N PRO B 181 -7.10 12.81 -19.17
CA PRO B 181 -5.97 13.73 -18.98
C PRO B 181 -6.17 15.10 -19.62
N LEU B 182 -6.53 15.15 -20.91
CA LEU B 182 -6.69 16.42 -21.61
C LEU B 182 -8.11 16.66 -22.11
N SER B 183 -8.88 15.62 -22.38
CA SER B 183 -10.21 15.84 -22.94
C SER B 183 -11.14 16.52 -21.95
N ALA B 184 -10.84 16.41 -20.65
CA ALA B 184 -11.66 17.10 -19.66
C ALA B 184 -11.40 18.60 -19.68
N THR B 185 -10.13 19.00 -19.81
CA THR B 185 -9.78 20.42 -19.71
C THR B 185 -9.71 21.13 -21.06
N ILE B 186 -8.81 20.68 -21.93
CA ILE B 186 -8.57 21.40 -23.17
C ILE B 186 -9.74 21.26 -24.14
N MET B 187 -10.26 20.04 -24.29
CA MET B 187 -11.32 19.78 -25.27
C MET B 187 -12.61 20.52 -24.98
N SER B 188 -12.80 21.01 -23.74
CA SER B 188 -14.06 21.68 -23.41
C SER B 188 -14.30 22.91 -24.28
N GLU B 189 -13.25 23.71 -24.52
CA GLU B 189 -13.39 24.94 -25.27
C GLU B 189 -12.72 24.91 -26.64
N TYR B 190 -11.49 24.41 -26.74
CA TYR B 190 -10.72 24.32 -27.99
C TYR B 190 -10.73 25.63 -28.79
N SER B 191 -10.98 26.75 -28.12
CA SER B 191 -11.26 28.02 -28.77
C SER B 191 -9.98 28.84 -28.93
N ASN B 192 -10.16 30.13 -29.25
CA ASN B 192 -9.17 31.17 -29.47
C ASN B 192 -8.48 31.04 -30.83
N LYS B 193 -8.69 29.95 -31.57
CA LYS B 193 -8.17 29.76 -32.92
C LYS B 193 -6.72 30.20 -33.07
N LYS B 194 -5.91 29.96 -32.05
CA LYS B 194 -4.50 30.36 -32.04
C LYS B 194 -3.71 29.20 -31.45
N THR B 195 -3.04 28.45 -32.33
CA THR B 195 -2.26 27.26 -31.94
C THR B 195 -3.14 26.28 -31.17
N ARG B 196 -4.39 26.12 -31.60
CA ARG B 196 -5.31 25.20 -30.95
C ARG B 196 -4.80 23.76 -31.02
N GLY B 197 -4.67 23.23 -32.24
CA GLY B 197 -4.04 21.94 -32.40
C GLY B 197 -2.59 21.93 -31.97
N ALA B 198 -1.88 23.04 -32.19
CA ALA B 198 -0.49 23.16 -31.75
C ALA B 198 -0.36 23.22 -30.23
N PHE B 199 -1.45 23.40 -29.50
CA PHE B 199 -1.43 23.24 -28.05
C PHE B 199 -1.96 21.90 -27.59
N ILE B 200 -2.95 21.33 -28.29
CA ILE B 200 -3.38 19.98 -27.96
C ILE B 200 -2.22 19.00 -28.13
N ALA B 201 -1.51 19.11 -29.26
CA ALA B 201 -0.33 18.29 -29.46
C ALA B 201 0.78 18.66 -28.49
N ALA B 202 0.90 19.94 -28.13
CA ALA B 202 1.93 20.35 -27.19
C ALA B 202 1.75 19.70 -25.83
N VAL B 203 0.51 19.65 -25.33
CA VAL B 203 0.26 19.00 -24.05
C VAL B 203 0.18 17.49 -24.17
N PHE B 204 -0.06 16.96 -25.38
CA PHE B 204 0.03 15.52 -25.56
C PHE B 204 1.45 15.03 -25.74
N ALA B 205 2.39 15.94 -26.02
CA ALA B 205 3.78 15.55 -26.19
C ALA B 205 4.38 14.97 -24.91
N MET B 206 3.73 15.18 -23.77
CA MET B 206 4.25 14.64 -22.51
C MET B 206 4.29 13.13 -22.48
N GLN B 207 3.58 12.45 -23.37
CA GLN B 207 3.68 10.99 -23.43
C GLN B 207 5.11 10.58 -23.79
N GLY B 208 5.71 11.29 -24.73
CA GLY B 208 7.10 11.03 -25.07
C GLY B 208 8.02 11.23 -23.88
N VAL B 209 7.80 12.30 -23.12
CA VAL B 209 8.59 12.55 -21.91
C VAL B 209 8.38 11.42 -20.91
N GLY B 210 7.16 10.89 -20.84
CA GLY B 210 6.89 9.78 -19.94
C GLY B 210 7.67 8.54 -20.33
N ILE B 211 7.70 8.22 -21.62
CA ILE B 211 8.46 7.06 -22.08
C ILE B 211 9.95 7.28 -21.84
N ILE B 212 10.44 8.47 -22.12
CA ILE B 212 11.84 8.80 -21.87
C ILE B 212 12.17 8.61 -20.40
N PHE B 213 11.29 9.09 -19.51
CA PHE B 213 11.56 9.00 -18.09
C PHE B 213 11.48 7.56 -17.59
N ALA B 214 10.58 6.76 -18.15
CA ALA B 214 10.54 5.33 -17.82
C ALA B 214 11.86 4.67 -18.16
N GLY B 215 12.32 4.85 -19.41
CA GLY B 215 13.61 4.30 -19.80
C GLY B 215 14.73 4.82 -18.93
N LEU B 216 14.70 6.10 -18.60
CA LEU B 216 15.77 6.72 -17.83
C LEU B 216 15.84 6.18 -16.41
N VAL B 217 14.69 6.05 -15.74
CA VAL B 217 14.71 5.55 -14.37
C VAL B 217 15.10 4.09 -14.35
N SER B 218 14.62 3.30 -15.32
CA SER B 218 15.06 1.91 -15.38
C SER B 218 16.57 1.83 -15.58
N MET B 219 17.11 2.65 -16.48
CA MET B 219 18.54 2.61 -16.76
C MET B 219 19.35 3.01 -15.54
N ILE B 220 18.97 4.09 -14.86
CA ILE B 220 19.76 4.57 -13.74
C ILE B 220 19.66 3.60 -12.57
N VAL B 221 18.49 3.02 -12.33
CA VAL B 221 18.37 2.06 -11.24
C VAL B 221 19.23 0.83 -11.52
N SER B 222 19.17 0.32 -12.76
CA SER B 222 19.98 -0.85 -13.09
C SER B 222 21.47 -0.54 -12.97
N SER B 223 21.90 0.63 -13.45
CA SER B 223 23.32 0.97 -13.35
C SER B 223 23.76 1.15 -11.91
N ILE B 224 22.93 1.78 -11.08
CA ILE B 224 23.28 2.01 -9.68
C ILE B 224 23.40 0.69 -8.95
N PHE B 225 22.44 -0.20 -9.13
CA PHE B 225 22.49 -1.48 -8.44
C PHE B 225 23.50 -2.44 -9.06
N LEU B 226 23.92 -2.20 -10.30
CA LEU B 226 24.89 -3.05 -10.99
C LEU B 226 26.33 -2.76 -10.60
N THR B 227 26.65 -1.51 -10.25
CA THR B 227 28.01 -1.14 -9.91
C THR B 227 28.51 -1.91 -8.69
N TYR B 228 27.66 -2.07 -7.68
CA TYR B 228 28.07 -2.77 -6.46
C TYR B 228 28.17 -4.28 -6.67
N ASN B 229 27.24 -4.87 -7.41
CA ASN B 229 27.18 -6.32 -7.60
C ASN B 229 27.54 -6.71 -9.03
N LYS B 230 28.68 -7.35 -9.22
CA LYS B 230 29.05 -7.87 -10.52
C LYS B 230 29.17 -9.39 -10.41
N ALA B 231 28.47 -10.09 -11.29
CA ALA B 231 28.37 -11.54 -11.30
C ALA B 231 28.62 -12.05 -12.71
N PRO B 232 29.06 -13.29 -12.85
CA PRO B 232 29.26 -13.83 -14.21
C PRO B 232 27.94 -14.04 -14.92
N SER B 233 28.03 -14.09 -16.24
CA SER B 233 26.86 -14.20 -17.10
C SER B 233 26.18 -15.55 -16.91
N TYR B 234 25.02 -15.70 -17.57
CA TYR B 234 24.30 -16.97 -17.49
C TYR B 234 25.10 -18.11 -18.10
N LYS B 235 25.97 -17.81 -19.08
CA LYS B 235 26.87 -18.83 -19.61
C LYS B 235 27.92 -19.25 -18.60
N GLY B 236 28.08 -18.51 -17.51
CA GLY B 236 29.02 -18.86 -16.46
C GLY B 236 28.33 -19.57 -15.31
N ASN B 237 28.13 -18.85 -14.20
CA ASN B 237 27.46 -19.41 -13.04
C ASN B 237 25.95 -19.29 -13.23
N HIS B 238 25.32 -20.41 -13.57
CA HIS B 238 23.90 -20.41 -13.91
C HIS B 238 22.99 -20.09 -12.73
N ASP B 239 23.52 -20.08 -11.51
CA ASP B 239 22.72 -19.77 -10.34
C ASP B 239 22.91 -18.35 -9.83
N LEU B 240 24.14 -17.85 -9.81
CA LEU B 240 24.39 -16.48 -9.37
C LEU B 240 24.04 -15.43 -10.43
N SER B 241 23.73 -15.85 -11.66
CA SER B 241 23.37 -14.89 -12.69
C SER B 241 22.09 -14.13 -12.33
N ARG B 242 21.20 -14.75 -11.54
CA ARG B 242 19.96 -14.07 -11.18
C ARG B 242 20.21 -12.90 -10.24
N GLN B 243 21.27 -12.96 -9.43
CA GLN B 243 21.60 -11.93 -8.45
C GLN B 243 20.41 -11.62 -7.54
N MET B 244 19.72 -12.67 -7.08
CA MET B 244 18.45 -12.53 -6.39
C MET B 244 18.45 -11.56 -5.21
N PRO B 245 19.40 -11.61 -4.26
CA PRO B 245 19.31 -10.71 -3.10
C PRO B 245 19.27 -9.23 -3.44
N ALA B 246 19.99 -8.80 -4.47
CA ALA B 246 19.94 -7.40 -4.87
C ALA B 246 18.93 -7.16 -5.98
N ALA B 247 18.80 -8.09 -6.92
CA ALA B 247 17.86 -7.97 -8.02
C ALA B 247 16.42 -7.99 -7.56
N ASP B 248 16.16 -8.39 -6.32
CA ASP B 248 14.82 -8.32 -5.81
C ASP B 248 14.38 -6.89 -5.49
N TYR B 249 15.31 -5.94 -5.48
CA TYR B 249 15.01 -4.55 -5.13
C TYR B 249 15.29 -3.59 -6.28
N VAL B 250 15.16 -4.04 -7.53
CA VAL B 250 15.27 -3.18 -8.69
C VAL B 250 13.95 -3.07 -9.44
N TRP B 251 13.28 -4.20 -9.70
CA TRP B 251 11.95 -4.13 -10.27
C TRP B 251 10.92 -3.62 -9.27
N ARG B 252 11.30 -3.49 -8.00
CA ARG B 252 10.45 -2.81 -7.04
C ARG B 252 10.66 -1.31 -7.07
N ILE B 253 11.92 -0.87 -7.09
CA ILE B 253 12.17 0.57 -7.14
C ILE B 253 11.66 1.16 -8.45
N VAL B 254 11.91 0.48 -9.57
CA VAL B 254 11.47 1.01 -10.86
C VAL B 254 9.96 1.13 -10.89
N LEU B 255 9.25 0.15 -10.34
CA LEU B 255 7.80 0.18 -10.36
C LEU B 255 7.20 1.11 -9.31
N MET B 256 7.89 1.37 -8.20
CA MET B 256 7.39 2.25 -7.17
C MET B 256 7.70 3.71 -7.42
N ILE B 257 8.72 4.00 -8.23
CA ILE B 257 9.03 5.40 -8.54
C ILE B 257 7.86 6.06 -9.26
N GLY B 258 7.06 5.27 -9.98
CA GLY B 258 5.93 5.79 -10.72
C GLY B 258 4.87 6.47 -9.87
N ALA B 259 4.91 6.27 -8.54
CA ALA B 259 3.97 6.96 -7.67
C ALA B 259 4.30 8.44 -7.57
N PHE B 260 5.58 8.81 -7.66
CA PHE B 260 5.97 10.20 -7.52
C PHE B 260 5.34 11.10 -8.57
N PRO B 261 5.31 10.74 -9.86
CA PRO B 261 4.56 11.58 -10.82
C PRO B 261 3.09 11.73 -10.48
N ALA B 262 2.46 10.69 -9.94
CA ALA B 262 1.06 10.82 -9.52
C ALA B 262 0.92 11.86 -8.41
N LEU B 263 1.83 11.84 -7.43
CA LEU B 263 1.79 12.85 -6.38
C LEU B 263 2.04 14.24 -6.95
N ALA B 264 2.96 14.36 -7.90
CA ALA B 264 3.23 15.65 -8.52
C ALA B 264 2.00 16.19 -9.24
N THR B 265 1.31 15.31 -9.99
CA THR B 265 0.08 15.73 -10.66
C THR B 265 -0.98 16.12 -9.64
N PHE B 266 -1.11 15.36 -8.56
CA PHE B 266 -2.10 15.67 -7.54
C PHE B 266 -1.85 17.04 -6.93
N TYR B 267 -0.59 17.35 -6.63
CA TYR B 267 -0.26 18.65 -6.05
C TYR B 267 -0.44 19.76 -7.06
N TRP B 268 -0.04 19.54 -8.31
CA TRP B 268 -0.15 20.58 -9.32
C TRP B 268 -1.59 20.83 -9.74
N ARG B 269 -2.49 19.90 -9.48
CA ARG B 269 -3.90 20.08 -9.81
C ARG B 269 -4.76 20.44 -8.62
N MET B 270 -4.30 20.21 -7.39
CA MET B 270 -5.07 20.62 -6.23
C MET B 270 -5.05 22.14 -6.05
N LYS B 271 -3.89 22.76 -6.23
CA LYS B 271 -3.76 24.19 -6.01
C LYS B 271 -4.36 25.02 -7.14
N MET B 272 -4.58 24.43 -8.32
CA MET B 272 -5.12 25.20 -9.43
C MET B 272 -6.59 25.53 -9.18
N PRO B 273 -7.06 26.69 -9.68
CA PRO B 273 -8.41 27.19 -9.43
C PRO B 273 -9.51 26.21 -9.83
N LEU B 320 -27.57 8.09 -29.25
CA LEU B 320 -27.43 7.18 -30.38
C LEU B 320 -28.81 6.82 -30.95
N SER B 321 -29.20 7.53 -32.01
CA SER B 321 -30.50 7.32 -32.64
C SER B 321 -30.31 7.40 -34.15
N MET B 322 -31.43 7.47 -34.87
CA MET B 322 -31.38 7.56 -36.32
C MET B 322 -30.75 8.87 -36.78
N GLU B 323 -30.98 9.96 -36.04
CA GLU B 323 -30.44 11.26 -36.43
C GLU B 323 -28.92 11.23 -36.47
N PHE B 324 -28.28 10.78 -35.38
CA PHE B 324 -26.83 10.70 -35.38
C PHE B 324 -26.32 9.58 -36.28
N ALA B 325 -27.10 8.52 -36.45
CA ALA B 325 -26.69 7.44 -37.35
C ALA B 325 -26.57 7.93 -38.79
N ARG B 326 -27.55 8.71 -39.25
CA ARG B 326 -27.48 9.26 -40.61
C ARG B 326 -26.50 10.41 -40.70
N ARG B 327 -26.43 11.25 -39.66
CA ARG B 327 -25.56 12.42 -39.69
C ARG B 327 -24.09 12.01 -39.78
N HIS B 328 -23.59 11.35 -38.74
CA HIS B 328 -22.17 11.08 -38.60
C HIS B 328 -21.88 9.62 -38.29
N GLY B 329 -22.78 8.70 -38.62
CA GLY B 329 -22.55 7.30 -38.28
C GLY B 329 -21.29 6.74 -38.91
N LEU B 330 -21.11 6.98 -40.21
CA LEU B 330 -19.87 6.61 -40.88
C LEU B 330 -18.68 7.36 -40.30
N HIS B 331 -18.85 8.65 -40.01
CA HIS B 331 -17.77 9.40 -39.38
C HIS B 331 -17.42 8.83 -38.02
N LEU B 332 -18.43 8.45 -37.24
CA LEU B 332 -18.20 7.88 -35.91
C LEU B 332 -17.43 6.56 -36.01
N ILE B 333 -17.86 5.67 -36.90
CA ILE B 333 -17.17 4.39 -36.99
C ILE B 333 -15.76 4.59 -37.52
N GLY B 334 -15.56 5.54 -38.44
CA GLY B 334 -14.22 5.82 -38.90
C GLY B 334 -13.32 6.37 -37.81
N THR B 335 -13.83 7.29 -37.00
CA THR B 335 -13.04 7.85 -35.91
C THR B 335 -12.69 6.79 -34.87
N THR B 336 -13.64 5.90 -34.55
CA THR B 336 -13.32 4.83 -33.60
C THR B 336 -12.28 3.87 -34.16
N THR B 337 -12.41 3.48 -35.44
CA THR B 337 -11.50 2.47 -35.95
C THR B 337 -10.11 3.03 -36.24
N THR B 338 -10.01 4.30 -36.67
CA THR B 338 -8.69 4.89 -36.90
C THR B 338 -7.86 4.96 -35.64
N TRP B 339 -8.49 4.90 -34.46
CA TRP B 339 -7.78 4.91 -33.19
C TRP B 339 -7.57 3.48 -32.70
N PHE B 340 -8.57 2.61 -32.92
CA PHE B 340 -8.43 1.19 -32.61
C PHE B 340 -7.30 0.54 -33.41
N LEU B 341 -7.04 1.03 -34.61
CA LEU B 341 -5.94 0.53 -35.43
C LEU B 341 -4.66 1.29 -35.19
N LEU B 342 -4.65 2.22 -34.25
CA LEU B 342 -3.45 2.93 -33.84
C LEU B 342 -2.87 2.41 -32.54
N ASP B 343 -3.70 2.14 -31.52
CA ASP B 343 -3.15 1.50 -30.32
C ASP B 343 -2.60 0.11 -30.63
N ILE B 344 -3.27 -0.65 -31.50
CA ILE B 344 -2.76 -1.97 -31.85
C ILE B 344 -1.38 -1.88 -32.47
N ALA B 345 -1.02 -0.73 -33.05
CA ALA B 345 0.29 -0.56 -33.66
C ALA B 345 1.30 0.14 -32.76
N PHE B 346 0.84 0.97 -31.82
CA PHE B 346 1.74 1.70 -30.94
C PHE B 346 2.05 0.92 -29.66
N TYR B 347 1.03 0.34 -29.03
CA TYR B 347 1.25 -0.45 -27.83
C TYR B 347 1.93 -1.77 -28.16
N SER B 348 1.71 -2.30 -29.36
CA SER B 348 2.45 -3.48 -29.79
C SER B 348 3.88 -3.13 -30.17
N GLN B 349 4.17 -1.86 -30.44
CA GLN B 349 5.53 -1.45 -30.73
C GLN B 349 6.32 -1.16 -29.45
N ASN B 350 5.67 -0.56 -28.45
CA ASN B 350 6.37 -0.28 -27.20
C ASN B 350 6.33 -1.44 -26.22
N LEU B 351 5.29 -2.28 -26.26
CA LEU B 351 5.17 -3.39 -25.33
C LEU B 351 5.92 -4.64 -25.78
N THR B 352 6.36 -4.68 -27.03
CA THR B 352 7.18 -5.78 -27.55
C THR B 352 8.66 -5.39 -27.66
N GLN B 353 9.07 -4.39 -26.87
CA GLN B 353 10.45 -3.91 -26.91
C GLN B 353 11.42 -4.89 -26.26
N LYS B 354 10.94 -5.97 -25.65
CA LYS B 354 11.84 -6.96 -25.06
C LYS B 354 12.06 -8.15 -25.96
N ASP B 355 11.53 -8.13 -27.18
CA ASP B 355 11.66 -9.25 -28.10
C ASP B 355 12.34 -8.89 -29.41
N ILE B 356 12.03 -7.72 -29.97
CA ILE B 356 12.52 -7.41 -31.32
C ILE B 356 14.02 -7.15 -31.30
N PHE B 357 14.49 -6.27 -30.42
CA PHE B 357 15.93 -6.01 -30.37
C PHE B 357 16.76 -7.23 -30.01
N PRO B 358 16.46 -8.01 -28.97
CA PRO B 358 17.29 -9.19 -28.70
C PRO B 358 17.32 -10.18 -29.84
N ALA B 359 16.38 -10.12 -30.79
CA ALA B 359 16.46 -10.97 -31.97
C ALA B 359 17.48 -10.44 -32.97
N MET B 360 17.57 -9.12 -33.14
CA MET B 360 18.52 -8.51 -34.07
C MET B 360 19.22 -7.33 -33.41
N GLY B 361 20.42 -7.57 -32.88
CA GLY B 361 21.32 -6.51 -32.46
C GLY B 361 20.79 -5.60 -31.36
N LEU B 362 21.57 -4.56 -31.02
CA LEU B 362 21.20 -3.54 -30.04
C LEU B 362 21.13 -4.14 -28.64
N ILE B 363 21.26 -5.46 -28.55
CA ILE B 363 21.07 -6.22 -27.32
C ILE B 363 21.93 -7.47 -27.43
N SER B 364 22.44 -7.94 -26.29
CA SER B 364 23.28 -9.12 -26.25
C SER B 364 22.48 -10.40 -26.07
N GLY B 365 21.27 -10.46 -26.59
CA GLY B 365 20.47 -11.66 -26.41
C GLY B 365 20.04 -11.80 -24.97
N ALA B 366 19.92 -13.05 -24.51
CA ALA B 366 19.52 -13.32 -23.14
C ALA B 366 20.54 -14.12 -22.36
N ALA B 367 21.01 -15.23 -22.89
CA ALA B 367 21.86 -16.13 -22.12
C ALA B 367 23.35 -15.88 -22.33
N GLU B 368 23.75 -14.60 -22.29
CA GLU B 368 25.17 -14.31 -22.13
C GLU B 368 25.43 -13.09 -21.25
N VAL B 369 24.45 -12.61 -20.49
CA VAL B 369 24.64 -11.53 -19.52
C VAL B 369 23.87 -11.89 -18.24
N ASN B 370 24.01 -11.03 -17.24
CA ASN B 370 23.42 -11.27 -15.92
C ASN B 370 21.94 -10.93 -15.97
N ALA B 371 21.32 -10.80 -14.79
CA ALA B 371 19.95 -10.31 -14.72
C ALA B 371 19.90 -8.79 -14.80
N LEU B 372 20.70 -8.12 -13.98
CA LEU B 372 20.74 -6.65 -14.02
C LEU B 372 21.29 -6.16 -15.36
N THR B 373 22.29 -6.86 -15.91
CA THR B 373 22.94 -6.39 -17.12
C THR B 373 21.95 -6.34 -18.29
N GLU B 374 21.15 -7.40 -18.45
CA GLU B 374 20.19 -7.42 -19.55
C GLU B 374 19.12 -6.35 -19.35
N MET B 375 18.71 -6.12 -18.10
CA MET B 375 17.72 -5.08 -17.83
C MET B 375 18.27 -3.71 -18.19
N PHE B 376 19.52 -3.44 -17.82
CA PHE B 376 20.14 -2.18 -18.21
C PHE B 376 20.25 -2.05 -19.72
N GLN B 377 20.60 -3.15 -20.39
CA GLN B 377 20.74 -3.10 -21.85
C GLN B 377 19.42 -2.77 -22.52
N ILE B 378 18.34 -3.45 -22.12
CA ILE B 378 17.05 -3.18 -22.73
C ILE B 378 16.54 -1.79 -22.37
N SER B 379 16.83 -1.34 -21.14
CA SER B 379 16.43 0.02 -20.77
C SER B 379 17.15 1.05 -21.61
N LYS B 380 18.45 0.86 -21.84
CA LYS B 380 19.19 1.79 -22.69
C LYS B 380 18.67 1.75 -24.12
N ALA B 381 18.39 0.56 -24.64
CA ALA B 381 17.88 0.45 -26.01
C ALA B 381 16.54 1.17 -26.15
N SER B 382 15.61 0.91 -25.23
CA SER B 382 14.30 1.56 -25.28
C SER B 382 14.42 3.07 -25.11
N PHE B 383 15.26 3.52 -24.18
CA PHE B 383 15.43 4.94 -23.95
C PHE B 383 16.00 5.63 -25.18
N LEU B 384 17.02 5.04 -25.80
CA LEU B 384 17.61 5.65 -27.00
C LEU B 384 16.62 5.67 -28.15
N VAL B 385 15.88 4.57 -28.35
CA VAL B 385 14.93 4.51 -29.45
C VAL B 385 13.82 5.53 -29.25
N ALA B 386 13.33 5.68 -28.02
CA ALA B 386 12.29 6.66 -27.75
C ALA B 386 12.81 8.08 -27.86
N LEU B 387 14.06 8.32 -27.45
CA LEU B 387 14.64 9.65 -27.61
C LEU B 387 14.79 10.04 -29.07
N LEU B 388 15.26 9.09 -29.90
CA LEU B 388 15.37 9.37 -31.33
C LEU B 388 14.03 9.32 -32.05
N GLY B 389 13.08 8.52 -31.58
CA GLY B 389 11.82 8.34 -32.27
C GLY B 389 10.65 9.14 -31.74
N THR B 390 10.40 9.08 -30.44
CA THR B 390 9.17 9.61 -29.88
C THR B 390 9.17 11.14 -29.82
N PHE B 391 10.12 11.72 -29.06
CA PHE B 391 10.08 13.16 -28.80
C PHE B 391 10.14 14.01 -30.06
N PRO B 392 11.08 13.79 -30.99
CA PRO B 392 11.08 14.61 -32.21
C PRO B 392 9.79 14.49 -32.99
N GLY B 393 9.15 13.32 -32.96
CA GLY B 393 7.87 13.19 -33.62
C GLY B 393 6.82 14.12 -33.05
N TYR B 394 6.74 14.19 -31.72
CA TYR B 394 5.80 15.11 -31.08
C TYR B 394 6.14 16.55 -31.42
N TRP B 395 7.42 16.90 -31.40
CA TRP B 395 7.81 18.27 -31.69
C TRP B 395 7.44 18.66 -33.12
N VAL B 396 7.67 17.76 -34.07
CA VAL B 396 7.32 18.06 -35.46
C VAL B 396 5.80 18.15 -35.62
N THR B 397 5.05 17.31 -34.91
CA THR B 397 3.59 17.43 -34.96
C THR B 397 3.13 18.79 -34.44
N VAL B 398 3.72 19.25 -33.34
CA VAL B 398 3.38 20.57 -32.82
C VAL B 398 3.73 21.64 -33.84
N ALA B 399 4.90 21.52 -34.47
CA ALA B 399 5.35 22.58 -35.38
C ALA B 399 4.53 22.62 -36.66
N LEU B 400 4.00 21.49 -37.11
CA LEU B 400 3.36 21.43 -38.43
C LEU B 400 1.95 20.84 -38.37
N ILE B 401 1.25 21.01 -37.25
CA ILE B 401 -0.10 20.46 -37.15
C ILE B 401 -1.08 21.24 -38.04
N ASP B 402 -1.00 22.56 -38.00
CA ASP B 402 -1.93 23.39 -38.76
C ASP B 402 -1.42 23.74 -40.14
N LYS B 403 -0.09 23.73 -40.36
CA LYS B 403 0.44 23.96 -41.69
C LYS B 403 -0.02 22.88 -42.67
N MET B 404 -0.02 21.63 -42.23
CA MET B 404 -0.52 20.52 -43.04
C MET B 404 -2.00 20.29 -42.82
N GLY B 405 -2.42 20.12 -41.57
CA GLY B 405 -3.82 19.92 -41.26
C GLY B 405 -4.10 18.68 -40.44
N ARG B 406 -5.15 17.94 -40.82
CA ARG B 406 -5.54 16.73 -40.11
C ARG B 406 -5.78 15.54 -41.03
N TYR B 407 -6.08 15.74 -42.31
CA TYR B 407 -6.25 14.64 -43.25
C TYR B 407 -4.91 14.13 -43.76
N MET B 408 -4.15 15.01 -44.44
CA MET B 408 -2.94 14.58 -45.12
C MET B 408 -1.91 14.03 -44.15
N ILE B 409 -1.80 14.64 -42.97
CA ILE B 409 -0.82 14.16 -41.99
C ILE B 409 -1.15 12.74 -41.56
N GLN B 410 -2.42 12.46 -41.25
CA GLN B 410 -2.81 11.10 -40.88
C GLN B 410 -2.58 10.13 -42.03
N LEU B 411 -2.92 10.54 -43.26
CA LEU B 411 -2.76 9.65 -44.41
C LEU B 411 -1.30 9.27 -44.58
N ILE B 412 -0.42 10.26 -44.59
CA ILE B 412 1.01 9.99 -44.80
C ILE B 412 1.57 9.21 -43.62
N GLY B 413 1.11 9.52 -42.41
CA GLY B 413 1.57 8.78 -41.26
C GLY B 413 1.27 7.30 -41.35
N PHE B 414 0.03 6.96 -41.71
CA PHE B 414 -0.34 5.54 -41.80
C PHE B 414 0.34 4.86 -42.99
N PHE B 415 0.42 5.54 -44.13
CA PHE B 415 1.06 4.93 -45.28
C PHE B 415 2.53 4.64 -44.99
N MET B 416 3.21 5.56 -44.30
CA MET B 416 4.62 5.34 -44.01
C MET B 416 4.81 4.36 -42.85
N MET B 417 3.87 4.32 -41.89
CA MET B 417 3.74 3.17 -41.01
C MET B 417 3.94 1.89 -41.81
N SER B 418 3.02 1.67 -42.75
CA SER B 418 2.98 0.41 -43.45
C SER B 418 4.25 0.18 -44.26
N MET B 419 4.74 1.21 -44.94
CA MET B 419 5.91 1.04 -45.78
C MET B 419 7.14 0.68 -44.96
N PHE B 420 7.45 1.46 -43.93
CA PHE B 420 8.62 1.15 -43.11
C PHE B 420 8.45 -0.14 -42.34
N MET B 421 7.22 -0.53 -42.02
CA MET B 421 7.02 -1.77 -41.30
C MET B 421 7.23 -2.97 -42.22
N LEU B 422 6.74 -2.89 -43.45
CA LEU B 422 7.04 -3.95 -44.43
C LEU B 422 8.53 -4.03 -44.70
N ALA B 423 9.21 -2.88 -44.73
CA ALA B 423 10.66 -2.89 -44.88
C ALA B 423 11.33 -3.58 -43.70
N MET B 424 10.88 -3.28 -42.48
CA MET B 424 11.36 -3.96 -41.28
C MET B 424 10.95 -5.43 -41.25
N GLY B 425 10.02 -5.83 -42.13
CA GLY B 425 9.50 -7.17 -42.22
C GLY B 425 10.24 -7.93 -43.31
N ILE B 426 9.71 -7.96 -44.54
CA ILE B 426 10.20 -8.80 -45.63
C ILE B 426 11.72 -8.76 -45.81
N LEU B 427 12.37 -7.70 -45.34
CA LEU B 427 13.82 -7.56 -45.40
C LEU B 427 14.46 -7.83 -44.03
N TYR B 428 13.90 -8.83 -43.34
CA TYR B 428 14.31 -9.15 -41.98
C TYR B 428 15.77 -9.60 -41.90
N ASP B 429 16.19 -10.47 -42.81
CA ASP B 429 17.52 -11.07 -42.71
C ASP B 429 18.62 -10.02 -42.81
N TYR B 430 18.46 -9.08 -43.76
CA TYR B 430 19.47 -8.04 -43.91
C TYR B 430 19.53 -7.14 -42.68
N LEU B 431 18.41 -6.96 -41.99
CA LEU B 431 18.42 -6.20 -40.75
C LEU B 431 19.07 -6.97 -39.61
N LYS B 432 18.91 -8.29 -39.59
CA LYS B 432 19.67 -9.08 -38.63
C LYS B 432 21.16 -9.05 -38.93
N THR B 433 21.53 -8.84 -40.20
CA THR B 433 22.94 -8.75 -40.56
C THR B 433 23.55 -7.44 -40.07
N HIS B 434 22.86 -6.32 -40.25
CA HIS B 434 23.39 -5.00 -39.92
C HIS B 434 22.67 -4.45 -38.70
N HIS B 435 23.43 -4.11 -37.66
CA HIS B 435 22.89 -3.65 -36.39
C HIS B 435 22.62 -2.14 -36.37
N PHE B 436 22.52 -1.51 -37.53
CA PHE B 436 22.25 -0.08 -37.57
C PHE B 436 21.05 0.27 -38.44
N LEU B 437 20.87 -0.43 -39.57
CA LEU B 437 19.73 -0.15 -40.42
C LEU B 437 18.42 -0.48 -39.71
N PHE B 438 18.39 -1.57 -38.95
CA PHE B 438 17.21 -1.92 -38.20
C PHE B 438 16.90 -0.87 -37.12
N GLY B 439 17.94 -0.38 -36.45
CA GLY B 439 17.72 0.68 -35.48
C GLY B 439 17.18 1.95 -36.11
N LEU B 440 17.73 2.33 -37.26
CA LEU B 440 17.21 3.49 -37.97
C LEU B 440 15.76 3.28 -38.39
N LEU B 441 15.44 2.09 -38.88
CA LEU B 441 14.07 1.82 -39.29
C LEU B 441 13.11 1.87 -38.12
N TYR B 442 13.49 1.31 -36.97
CA TYR B 442 12.63 1.38 -35.79
C TYR B 442 12.46 2.82 -35.33
N ALA B 443 13.55 3.59 -35.32
CA ALA B 443 13.46 4.97 -34.90
C ALA B 443 12.53 5.77 -35.81
N LEU B 444 12.63 5.53 -37.12
CA LEU B 444 11.74 6.25 -38.05
C LEU B 444 10.30 5.78 -37.94
N THR B 445 10.07 4.50 -37.63
CA THR B 445 8.70 4.06 -37.37
C THR B 445 8.11 4.79 -36.18
N PHE B 446 8.88 4.91 -35.09
CA PHE B 446 8.40 5.65 -33.94
C PHE B 446 8.21 7.13 -34.27
N PHE B 447 9.12 7.70 -35.05
CA PHE B 447 9.01 9.11 -35.41
C PHE B 447 7.75 9.38 -36.21
N PHE B 448 7.45 8.53 -37.19
CA PHE B 448 6.27 8.71 -38.02
C PHE B 448 5.00 8.27 -37.30
N ALA B 449 5.13 7.48 -36.25
CA ALA B 449 3.99 7.25 -35.36
C ALA B 449 3.68 8.51 -34.57
N ASN B 450 4.71 9.11 -33.99
CA ASN B 450 4.51 10.28 -33.13
C ASN B 450 4.08 11.48 -33.96
N PHE B 451 4.71 11.69 -35.11
CA PHE B 451 4.29 12.72 -36.06
C PHE B 451 2.97 12.38 -36.71
N GLY B 452 2.61 11.10 -36.79
CA GLY B 452 1.41 10.69 -37.49
C GLY B 452 0.19 10.66 -36.61
N PRO B 453 -0.59 9.58 -36.70
CA PRO B 453 -1.91 9.56 -36.07
C PRO B 453 -1.90 9.30 -34.57
N ASN B 454 -0.74 9.14 -33.95
CA ASN B 454 -0.72 8.90 -32.51
C ASN B 454 -1.25 10.10 -31.74
N SER B 455 -0.96 11.31 -32.21
CA SER B 455 -1.36 12.55 -31.55
C SER B 455 -2.52 13.22 -32.27
N THR B 456 -3.31 12.45 -33.02
CA THR B 456 -4.40 13.03 -33.80
C THR B 456 -5.70 12.27 -33.61
N THR B 457 -5.61 10.98 -33.27
CA THR B 457 -6.80 10.13 -33.24
C THR B 457 -7.77 10.58 -32.16
N PHE B 458 -7.27 11.02 -31.00
CA PHE B 458 -8.15 11.45 -29.94
C PHE B 458 -8.73 12.84 -30.16
N VAL B 459 -8.19 13.62 -31.10
CA VAL B 459 -8.75 14.93 -31.38
C VAL B 459 -9.95 14.85 -32.31
N LEU B 460 -10.05 13.80 -33.14
CA LEU B 460 -11.20 13.66 -34.02
C LEU B 460 -12.54 13.67 -33.30
N PRO B 461 -12.74 12.95 -32.18
CA PRO B 461 -14.02 13.10 -31.46
C PRO B 461 -14.26 14.50 -30.95
N ALA B 462 -13.20 15.23 -30.59
CA ALA B 462 -13.37 16.58 -30.07
C ALA B 462 -13.89 17.53 -31.14
N GLU B 463 -13.25 17.54 -32.30
CA GLU B 463 -13.66 18.40 -33.41
C GLU B 463 -14.61 17.68 -34.35
N LEU B 464 -15.65 17.08 -33.79
CA LEU B 464 -16.68 16.40 -34.56
C LEU B 464 -17.89 16.20 -33.67
N PHE B 465 -19.05 15.99 -34.32
CA PHE B 465 -20.33 15.71 -33.67
C PHE B 465 -20.84 16.91 -32.88
N PRO B 466 -22.15 17.06 -32.73
CA PRO B 466 -22.68 18.13 -31.89
C PRO B 466 -22.35 17.89 -30.42
N THR B 467 -22.30 19.00 -29.68
CA THR B 467 -21.98 18.93 -28.25
C THR B 467 -23.03 18.14 -27.46
N ARG B 468 -24.20 17.90 -28.05
CA ARG B 468 -25.21 17.11 -27.37
C ARG B 468 -24.72 15.70 -27.06
N VAL B 469 -23.89 15.13 -27.95
CA VAL B 469 -23.47 13.74 -27.81
C VAL B 469 -21.95 13.64 -27.93
N ARG B 470 -21.26 14.78 -27.87
CA ARG B 470 -19.80 14.75 -28.05
C ARG B 470 -19.13 13.87 -27.01
N SER B 471 -19.58 13.95 -25.76
CA SER B 471 -18.99 13.13 -24.70
C SER B 471 -19.17 11.64 -24.96
N THR B 472 -20.36 11.24 -25.44
CA THR B 472 -20.60 9.82 -25.68
C THR B 472 -19.70 9.28 -26.79
N CYS B 473 -19.58 10.01 -27.90
CA CYS B 473 -18.68 9.56 -28.97
C CYS B 473 -17.24 9.55 -28.52
N HIS B 474 -16.83 10.55 -27.73
CA HIS B 474 -15.46 10.55 -27.22
C HIS B 474 -15.21 9.34 -26.32
N ALA B 475 -16.18 9.01 -25.46
CA ALA B 475 -16.02 7.84 -24.60
C ALA B 475 -15.98 6.56 -25.41
N ILE B 476 -16.81 6.45 -26.46
CA ILE B 476 -16.80 5.23 -27.26
C ILE B 476 -15.51 5.11 -28.05
N SER B 477 -14.94 6.23 -28.51
CA SER B 477 -13.66 6.17 -29.18
C SER B 477 -12.55 5.78 -28.21
N ALA B 478 -12.60 6.30 -26.98
CA ALA B 478 -11.62 5.91 -25.98
C ALA B 478 -11.74 4.42 -25.67
N ALA B 479 -12.96 3.90 -25.61
CA ALA B 479 -13.16 2.47 -25.41
C ALA B 479 -12.58 1.67 -26.57
N ALA B 480 -12.78 2.15 -27.80
CA ALA B 480 -12.21 1.47 -28.95
C ALA B 480 -10.69 1.46 -28.89
N GLY B 481 -10.09 2.59 -28.51
CA GLY B 481 -8.65 2.65 -28.40
C GLY B 481 -8.11 1.75 -27.31
N LYS B 482 -8.82 1.67 -26.18
CA LYS B 482 -8.38 0.80 -25.10
C LYS B 482 -8.54 -0.66 -25.49
N ALA B 483 -9.57 -0.99 -26.27
CA ALA B 483 -9.68 -2.34 -26.82
C ALA B 483 -8.54 -2.63 -27.79
N GLY B 484 -8.13 -1.61 -28.56
CA GLY B 484 -6.95 -1.77 -29.39
C GLY B 484 -5.70 -2.06 -28.58
N ALA B 485 -5.52 -1.35 -27.47
CA ALA B 485 -4.41 -1.65 -26.58
C ALA B 485 -4.51 -3.06 -26.02
N ILE B 486 -5.74 -3.48 -25.69
CA ILE B 486 -5.96 -4.82 -25.13
C ILE B 486 -5.55 -5.89 -26.13
N VAL B 487 -5.98 -5.74 -27.38
CA VAL B 487 -5.60 -6.71 -28.41
C VAL B 487 -4.13 -6.56 -28.76
N ALA B 488 -3.53 -5.41 -28.48
CA ALA B 488 -2.08 -5.27 -28.64
C ALA B 488 -1.34 -6.10 -27.59
N ALA B 489 -1.82 -6.10 -26.35
CA ALA B 489 -1.14 -6.80 -25.27
C ALA B 489 -1.52 -8.27 -25.19
N PHE B 490 -2.79 -8.60 -25.39
CA PHE B 490 -3.28 -9.97 -25.40
C PHE B 490 -3.37 -10.54 -26.81
N GLY B 491 -2.60 -9.99 -27.74
CA GLY B 491 -2.67 -10.32 -29.15
C GLY B 491 -1.29 -10.55 -29.71
N ILE B 492 -0.89 -9.71 -30.67
CA ILE B 492 0.40 -9.77 -31.35
C ILE B 492 1.55 -10.09 -30.39
N GLN B 493 1.44 -9.60 -29.14
CA GLN B 493 2.41 -9.94 -28.12
C GLN B 493 2.62 -11.44 -28.02
N LYS B 494 1.54 -12.23 -28.05
CA LYS B 494 1.66 -13.68 -28.08
C LYS B 494 2.36 -14.15 -29.35
N LEU B 495 2.05 -13.52 -30.49
CA LEU B 495 2.66 -13.89 -31.77
C LEU B 495 4.14 -13.55 -31.82
N THR B 496 4.65 -12.76 -30.88
CA THR B 496 6.07 -12.41 -30.92
C THR B 496 6.86 -13.03 -29.77
N TYR B 497 6.25 -13.23 -28.61
CA TYR B 497 7.02 -13.52 -27.40
C TYR B 497 7.82 -14.81 -27.54
N ASN B 498 9.11 -14.71 -27.19
CA ASN B 498 10.11 -15.79 -27.09
C ASN B 498 9.92 -16.86 -28.16
N SER B 499 9.63 -16.44 -29.38
CA SER B 499 9.30 -17.33 -30.47
C SER B 499 10.44 -17.34 -31.49
N GLN B 500 10.21 -18.05 -32.59
CA GLN B 500 11.23 -18.26 -33.60
C GLN B 500 11.25 -17.07 -34.57
N VAL B 501 12.09 -17.18 -35.61
CA VAL B 501 12.17 -16.14 -36.61
C VAL B 501 10.88 -16.04 -37.41
N LYS B 502 10.25 -17.18 -37.70
CA LYS B 502 9.01 -17.18 -38.47
C LYS B 502 7.93 -16.36 -37.77
N SER B 503 7.79 -16.54 -36.46
CA SER B 503 6.70 -15.90 -35.74
C SER B 503 6.89 -14.39 -35.69
N ILE B 504 8.13 -13.92 -35.48
CA ILE B 504 8.38 -12.48 -35.41
C ILE B 504 8.09 -11.82 -36.76
N LYS B 505 8.55 -12.43 -37.85
CA LYS B 505 8.27 -11.91 -39.17
C LYS B 505 6.77 -11.90 -39.46
N LYS B 506 6.08 -12.97 -39.06
CA LYS B 506 4.64 -13.01 -39.24
C LYS B 506 3.97 -11.88 -38.47
N ALA B 507 4.42 -11.63 -37.24
CA ALA B 507 3.82 -10.56 -36.44
C ALA B 507 4.06 -9.20 -37.09
N LEU B 508 5.26 -8.98 -37.63
CA LEU B 508 5.51 -7.74 -38.35
C LEU B 508 4.60 -7.60 -39.57
N ILE B 509 4.35 -8.72 -40.26
CA ILE B 509 3.46 -8.69 -41.42
C ILE B 509 2.05 -8.31 -41.00
N ILE B 510 1.55 -8.90 -39.91
CA ILE B 510 0.21 -8.55 -39.45
C ILE B 510 0.14 -7.09 -39.00
N LEU B 511 1.21 -6.60 -38.36
CA LEU B 511 1.21 -5.20 -37.94
C LEU B 511 1.20 -4.26 -39.14
N SER B 512 1.96 -4.58 -40.19
CA SER B 512 1.93 -3.77 -41.40
C SER B 512 0.55 -3.81 -42.05
N ILE B 513 -0.07 -4.99 -42.09
CA ILE B 513 -1.43 -5.09 -42.63
C ILE B 513 -2.39 -4.23 -41.83
N THR B 514 -2.27 -4.27 -40.50
CA THR B 514 -3.15 -3.46 -39.66
C THR B 514 -2.96 -1.97 -39.93
N ASN B 515 -1.72 -1.53 -40.06
CA ASN B 515 -1.47 -0.11 -40.32
C ASN B 515 -1.99 0.30 -41.69
N MET B 516 -1.84 -0.57 -42.69
CA MET B 516 -2.38 -0.24 -44.00
C MET B 516 -3.90 -0.20 -43.97
N LEU B 517 -4.53 -1.10 -43.21
CA LEU B 517 -5.98 -1.06 -43.06
C LEU B 517 -6.43 0.23 -42.39
N GLY B 518 -5.67 0.67 -41.38
CA GLY B 518 -5.95 1.98 -40.80
C GLY B 518 -5.81 3.08 -41.82
N PHE B 519 -4.83 2.96 -42.72
CA PHE B 519 -4.68 3.95 -43.79
C PHE B 519 -5.91 4.00 -44.67
N PHE B 520 -6.43 2.84 -45.09
CA PHE B 520 -7.67 2.87 -45.88
C PHE B 520 -8.83 3.46 -45.08
N PHE B 521 -8.93 3.11 -43.80
CA PHE B 521 -10.06 3.64 -43.05
C PHE B 521 -9.91 5.11 -42.70
N THR B 522 -8.73 5.71 -42.90
CA THR B 522 -8.61 7.12 -42.58
C THR B 522 -9.42 8.04 -43.50
N PHE B 523 -9.65 7.65 -44.77
CA PHE B 523 -10.46 8.53 -45.62
C PHE B 523 -11.95 8.43 -45.32
N LEU B 524 -12.33 8.74 -44.09
CA LEU B 524 -13.73 8.82 -43.72
C LEU B 524 -14.04 10.00 -42.81
N VAL B 525 -13.05 10.81 -42.46
CA VAL B 525 -13.25 11.94 -41.56
C VAL B 525 -12.65 13.20 -42.19
N PRO B 526 -13.31 13.80 -43.18
CA PRO B 526 -12.76 14.99 -43.84
C PRO B 526 -12.58 16.15 -42.86
N GLU B 527 -11.57 16.98 -43.15
CA GLU B 527 -11.39 18.26 -42.51
C GLU B 527 -11.51 19.33 -43.58
N THR B 528 -12.40 20.29 -43.37
CA THR B 528 -12.65 21.33 -44.36
C THR B 528 -11.48 22.31 -44.41
#